data_6AJD
#
_entry.id   6AJD
#
_cell.length_a   88.375
_cell.length_b   110.169
_cell.length_c   112.660
_cell.angle_alpha   90.00
_cell.angle_beta   90.00
_cell.angle_gamma   90.00
#
_symmetry.space_group_name_H-M   'P 21 21 2'
#
loop_
_entity.id
_entity.type
_entity.pdbx_description
1 polymer D-hydantoinase/dihydropyrimidinase
2 non-polymer 'ZINC ION'
3 water water
#
_entity_poly.entity_id   1
_entity_poly.type   'polypeptide(L)'
_entity_poly.pdbx_seq_one_letter_code
;MSLLIRGATVVTHEESYRADVLCANGLIQAIGENLETPSGCDVLDGGGQYLMPGGIDPHTHMQLPFMGTVASEDFFSGTA
AGLAGGTTSIIDFVIPNPRQSLLEAFHTWRGWAQKSAADYGFHVAITWWSDEVAREMGELVAQHGVNSFKHFMAYKNAIM
AADDTLVASFERCLELGAVPTVHAENGELVFHLQQKLLAQGLTGPEAHPLSRPPQVEGEAASRAIRIAETLGTPLYLVHI
SSREALDEIAYARAKGQPVYGEVLAGHLLLDDSVYRHPDWATAAGYVMSPPFRPVEHQEALWRGLQSGNLHTTATDHCCF
CAEQKAMGRDDFSKIPNGTAGIEDRMALLWDAGVNSGRLSMHEFVALTSTNTAKIFNLFPRKGAIRVGADADLVLWDPQG
SRTLSAATHHQRVDFNIFEGRTVRGIPSHTISQGKLLWAAGDLRAEPGAGRYVERPAYPSVYEVLGRRAERQRPVAVERH
HHHHH
;
_entity_poly.pdbx_strand_id   A,B
#
loop_
_chem_comp.id
_chem_comp.type
_chem_comp.name
_chem_comp.formula
ZN non-polymer 'ZINC ION' 'Zn 2'
#
# COMPACT_ATOMS: atom_id res chain seq x y z
N SER A 2 1.54 12.54 -51.77
CA SER A 2 0.65 11.59 -51.11
C SER A 2 1.23 10.17 -51.22
N LEU A 3 0.70 9.23 -50.44
CA LEU A 3 1.29 7.89 -50.34
C LEU A 3 0.19 6.87 -50.22
N LEU A 4 0.25 5.85 -51.08
CA LEU A 4 -0.79 4.83 -51.14
C LEU A 4 -0.14 3.51 -50.74
N ILE A 5 -0.63 2.91 -49.66
CA ILE A 5 -0.18 1.58 -49.26
C ILE A 5 -1.25 0.59 -49.72
N ARG A 6 -0.86 -0.32 -50.59
CA ARG A 6 -1.80 -1.16 -51.30
C ARG A 6 -1.50 -2.62 -51.00
N GLY A 7 -2.53 -3.40 -50.77
CA GLY A 7 -2.34 -4.84 -50.71
C GLY A 7 -2.09 -5.42 -49.34
N ALA A 8 -2.01 -4.59 -48.29
CA ALA A 8 -1.72 -5.11 -46.95
C ALA A 8 -3.00 -5.49 -46.22
N THR A 9 -2.83 -6.22 -45.12
CA THR A 9 -3.91 -6.41 -44.16
C THR A 9 -3.84 -5.31 -43.11
N VAL A 10 -4.90 -4.50 -43.01
CA VAL A 10 -4.98 -3.50 -41.95
C VAL A 10 -5.29 -4.21 -40.64
N VAL A 11 -4.50 -3.91 -39.61
CA VAL A 11 -4.67 -4.48 -38.27
C VAL A 11 -4.82 -3.35 -37.28
N THR A 12 -5.98 -3.25 -36.63
CA THR A 12 -6.28 -2.25 -35.61
C THR A 12 -6.29 -2.90 -34.22
N HIS A 13 -6.70 -2.12 -33.23
CA HIS A 13 -6.83 -2.66 -31.88
C HIS A 13 -8.00 -3.62 -31.70
N GLU A 14 -8.86 -3.79 -32.72
CA GLU A 14 -10.06 -4.64 -32.62
C GLU A 14 -10.17 -5.67 -33.74
N GLU A 15 -9.71 -5.35 -34.94
CA GLU A 15 -10.03 -6.16 -36.11
C GLU A 15 -8.94 -6.11 -37.16
N SER A 16 -9.04 -7.05 -38.10
CA SER A 16 -8.17 -7.16 -39.27
C SER A 16 -9.04 -7.22 -40.51
N TYR A 17 -8.61 -6.52 -41.56
CA TYR A 17 -9.31 -6.56 -42.84
C TYR A 17 -8.36 -6.09 -43.95
N ARG A 18 -8.62 -6.61 -45.15
CA ARG A 18 -7.82 -6.29 -46.34
C ARG A 18 -8.28 -4.96 -46.91
N ALA A 19 -7.35 -4.01 -47.05
CA ALA A 19 -7.70 -2.69 -47.56
C ALA A 19 -6.45 -1.95 -47.98
N ASP A 20 -6.61 -1.03 -48.93
CA ASP A 20 -5.56 -0.06 -49.24
C ASP A 20 -5.76 1.16 -48.37
N VAL A 21 -4.68 1.88 -48.09
CA VAL A 21 -4.75 3.09 -47.29
C VAL A 21 -4.03 4.20 -48.04
N LEU A 22 -4.71 5.33 -48.19
CA LEU A 22 -4.15 6.50 -48.86
C LEU A 22 -3.93 7.62 -47.85
N CYS A 23 -2.72 8.17 -47.85
CA CYS A 23 -2.36 9.29 -47.01
C CYS A 23 -2.01 10.50 -47.87
N ALA A 24 -2.38 11.68 -47.39
CA ALA A 24 -1.98 12.93 -48.01
C ALA A 24 -2.12 14.01 -46.96
N ASN A 25 -1.26 15.03 -47.05
CA ASN A 25 -1.34 16.21 -46.18
C ASN A 25 -1.27 15.82 -44.71
N GLY A 26 -0.47 14.80 -44.41
CA GLY A 26 -0.26 14.35 -43.06
C GLY A 26 -1.34 13.47 -42.49
N LEU A 27 -2.41 13.22 -43.24
CA LEU A 27 -3.59 12.55 -42.72
C LEU A 27 -3.90 11.30 -43.53
N ILE A 28 -4.68 10.40 -42.93
CA ILE A 28 -5.26 9.29 -43.67
C ILE A 28 -6.46 9.83 -44.45
N GLN A 29 -6.40 9.73 -45.78
CA GLN A 29 -7.45 10.28 -46.62
C GLN A 29 -8.50 9.26 -47.01
N ALA A 30 -8.12 8.00 -47.23
CA ALA A 30 -9.10 7.03 -47.70
C ALA A 30 -8.62 5.63 -47.35
N ILE A 31 -9.61 4.75 -47.08
CA ILE A 31 -9.36 3.35 -46.77
C ILE A 31 -10.35 2.51 -47.57
N GLY A 32 -9.85 1.50 -48.28
CA GLY A 32 -10.74 0.66 -49.05
C GLY A 32 -9.99 -0.26 -49.98
N GLU A 33 -10.77 -1.10 -50.65
CA GLU A 33 -10.22 -2.00 -51.66
C GLU A 33 -10.07 -1.23 -52.97
N ASN A 34 -9.03 -1.54 -53.71
CA ASN A 34 -8.76 -0.95 -55.02
C ASN A 34 -9.02 0.55 -55.04
N LEU A 35 -8.31 1.25 -54.15
CA LEU A 35 -8.44 2.69 -54.11
C LEU A 35 -7.86 3.29 -55.38
N GLU A 36 -8.44 4.39 -55.83
CA GLU A 36 -7.88 5.12 -56.94
C GLU A 36 -6.64 5.90 -56.50
N THR A 37 -5.71 6.10 -57.46
CA THR A 37 -4.43 6.73 -57.17
C THR A 37 -4.45 8.17 -57.63
N PRO A 38 -4.33 9.15 -56.74
CA PRO A 38 -4.15 10.53 -57.18
C PRO A 38 -2.91 10.66 -58.04
N SER A 39 -2.90 11.68 -58.89
CA SER A 39 -1.76 11.87 -59.79
C SER A 39 -0.51 12.20 -58.98
N GLY A 40 0.61 11.58 -59.36
CA GLY A 40 1.86 11.78 -58.65
C GLY A 40 1.98 11.08 -57.31
N CYS A 41 0.95 10.36 -56.86
CA CYS A 41 0.99 9.65 -55.59
C CYS A 41 2.01 8.51 -55.60
N ASP A 42 2.84 8.45 -54.56
CA ASP A 42 3.74 7.30 -54.42
C ASP A 42 2.97 6.07 -53.95
N VAL A 43 3.48 4.89 -54.29
CA VAL A 43 2.80 3.64 -53.98
C VAL A 43 3.77 2.73 -53.21
N LEU A 44 3.29 2.15 -52.12
CA LEU A 44 4.05 1.17 -51.34
C LEU A 44 3.28 -0.14 -51.33
N ASP A 45 3.94 -1.22 -51.72
CA ASP A 45 3.30 -2.51 -51.88
C ASP A 45 3.38 -3.26 -50.55
N GLY A 46 2.24 -3.49 -49.91
CA GLY A 46 2.18 -4.13 -48.61
C GLY A 46 1.72 -5.58 -48.63
N GLY A 47 1.74 -6.23 -49.80
CA GLY A 47 1.36 -7.62 -49.92
C GLY A 47 2.08 -8.55 -48.96
N GLY A 48 1.33 -9.43 -48.31
CA GLY A 48 1.87 -10.31 -47.30
C GLY A 48 2.27 -9.62 -46.00
N GLN A 49 1.87 -8.37 -45.79
CA GLN A 49 2.30 -7.64 -44.60
C GLN A 49 1.10 -7.05 -43.87
N TYR A 50 1.34 -6.61 -42.64
CA TYR A 50 0.29 -6.01 -41.82
C TYR A 50 0.52 -4.52 -41.67
N LEU A 51 -0.56 -3.75 -41.79
CA LEU A 51 -0.49 -2.31 -41.69
C LEU A 51 -1.18 -1.90 -40.41
N MET A 52 -0.42 -1.32 -39.48
CA MET A 52 -0.89 -1.00 -38.14
C MET A 52 -0.58 0.46 -37.83
N PRO A 53 -1.22 1.04 -36.81
CA PRO A 53 -0.81 2.37 -36.36
C PRO A 53 0.64 2.32 -35.89
N GLY A 54 1.37 3.41 -36.16
CA GLY A 54 2.71 3.50 -35.61
C GLY A 54 2.71 3.48 -34.10
N GLY A 55 3.75 2.89 -33.52
CA GLY A 55 3.85 2.81 -32.08
C GLY A 55 3.93 4.19 -31.46
N ILE A 56 3.40 4.30 -30.25
CA ILE A 56 3.56 5.49 -29.43
C ILE A 56 4.32 5.08 -28.19
N ASP A 57 5.42 5.79 -27.93
CA ASP A 57 6.25 5.50 -26.76
C ASP A 57 6.06 6.63 -25.76
N PRO A 58 5.21 6.45 -24.74
CA PRO A 58 4.94 7.55 -23.79
C PRO A 58 6.00 7.66 -22.70
N HIS A 59 7.17 7.05 -22.87
CA HIS A 59 8.14 7.14 -21.76
C HIS A 59 9.56 7.18 -22.31
N THR A 60 10.01 8.37 -22.71
CA THR A 60 11.36 8.54 -23.21
C THR A 60 12.04 9.66 -22.43
N HIS A 61 13.37 9.64 -22.44
CA HIS A 61 14.20 10.62 -21.74
C HIS A 61 15.34 11.08 -22.67
N MET A 62 14.98 11.63 -23.82
CA MET A 62 15.99 12.05 -24.77
C MET A 62 16.87 13.15 -24.17
N GLN A 63 18.18 13.03 -24.37
CA GLN A 63 19.21 13.95 -23.88
C GLN A 63 18.89 14.48 -22.48
N LEU A 64 18.51 13.57 -21.59
CA LEU A 64 18.21 13.94 -20.21
C LEU A 64 19.49 14.35 -19.48
N PRO A 65 19.55 15.55 -18.90
CA PRO A 65 20.60 15.80 -17.89
C PRO A 65 20.18 15.14 -16.58
N PHE A 66 20.98 14.17 -16.12
CA PHE A 66 20.53 13.27 -15.06
C PHE A 66 21.74 12.51 -14.52
N MET A 67 21.75 12.32 -13.21
CA MET A 67 22.84 11.67 -12.48
C MET A 67 24.20 12.08 -13.05
N GLY A 68 24.47 13.39 -12.95
CA GLY A 68 25.75 13.97 -13.26
C GLY A 68 25.94 14.50 -14.68
N THR A 69 25.24 13.94 -15.68
CA THR A 69 25.64 14.13 -17.10
C THR A 69 24.38 14.19 -17.99
N VAL A 70 24.59 14.12 -19.32
CA VAL A 70 23.53 14.20 -20.34
C VAL A 70 23.46 12.89 -21.15
N ALA A 71 22.24 12.36 -21.30
CA ALA A 71 22.04 11.10 -22.04
C ALA A 71 22.61 11.20 -23.45
N SER A 72 23.21 10.10 -23.91
CA SER A 72 23.90 10.09 -25.21
C SER A 72 22.95 10.10 -26.40
N GLU A 73 21.69 9.75 -26.20
CA GLU A 73 20.68 9.84 -27.26
C GLU A 73 20.04 11.22 -27.19
N ASP A 74 19.99 11.93 -28.31
CA ASP A 74 19.30 13.22 -28.28
C ASP A 74 17.95 13.09 -28.99
N PHE A 75 17.18 14.18 -29.02
CA PHE A 75 15.82 14.07 -29.53
C PHE A 75 15.78 13.66 -30.99
N PHE A 76 16.81 14.00 -31.77
CA PHE A 76 16.81 13.55 -33.16
C PHE A 76 17.19 12.08 -33.27
N SER A 77 18.35 11.70 -32.73
CA SER A 77 18.79 10.32 -32.92
C SER A 77 17.82 9.36 -32.26
N GLY A 78 17.16 9.79 -31.17
CA GLY A 78 16.19 8.94 -30.51
C GLY A 78 14.93 8.75 -31.33
N THR A 79 14.31 9.86 -31.77
CA THR A 79 13.11 9.73 -32.59
C THR A 79 13.40 9.03 -33.90
N ALA A 80 14.59 9.24 -34.47
CA ALA A 80 14.97 8.51 -35.69
C ALA A 80 15.10 7.02 -35.41
N ALA A 81 15.72 6.64 -34.29
CA ALA A 81 15.82 5.24 -33.93
C ALA A 81 14.46 4.60 -33.73
N GLY A 82 13.53 5.36 -33.15
CA GLY A 82 12.16 4.88 -33.01
C GLY A 82 11.50 4.60 -34.36
N LEU A 83 11.67 5.53 -35.30
CA LEU A 83 11.13 5.32 -36.64
C LEU A 83 11.64 4.02 -37.26
N ALA A 84 12.96 3.78 -37.23
CA ALA A 84 13.50 2.53 -37.76
C ALA A 84 12.86 1.31 -37.10
N GLY A 85 12.48 1.43 -35.83
CA GLY A 85 11.81 0.37 -35.10
C GLY A 85 10.30 0.41 -35.12
N GLY A 86 9.67 1.27 -35.93
CA GLY A 86 8.23 1.31 -36.05
C GLY A 86 7.49 2.27 -35.12
N THR A 87 8.19 2.96 -34.23
CA THR A 87 7.55 3.89 -33.30
C THR A 87 7.50 5.27 -33.95
N THR A 88 6.30 5.85 -34.05
CA THR A 88 6.11 7.10 -34.78
C THR A 88 5.93 8.33 -33.90
N SER A 89 5.72 8.18 -32.59
CA SER A 89 5.65 9.35 -31.73
C SER A 89 6.04 8.98 -30.32
N ILE A 90 6.48 9.98 -29.56
CA ILE A 90 6.97 9.82 -28.20
C ILE A 90 6.26 10.83 -27.29
N ILE A 91 6.24 10.51 -26.00
CA ILE A 91 6.01 11.51 -24.96
C ILE A 91 7.18 11.47 -24.01
N ASP A 92 7.88 12.59 -23.89
CA ASP A 92 9.08 12.72 -23.09
C ASP A 92 8.71 13.43 -21.79
N PHE A 93 9.70 13.80 -20.98
CA PHE A 93 9.42 14.42 -19.68
C PHE A 93 10.22 15.70 -19.53
N VAL A 94 9.53 16.80 -19.25
CA VAL A 94 10.20 17.97 -18.70
C VAL A 94 10.45 17.73 -17.22
N ILE A 95 11.70 17.88 -16.80
CA ILE A 95 12.05 17.65 -15.40
C ILE A 95 12.71 18.91 -14.87
N PRO A 96 11.94 19.87 -14.34
CA PRO A 96 12.54 21.06 -13.73
C PRO A 96 13.36 20.67 -12.50
N ASN A 97 14.45 21.40 -12.30
CA ASN A 97 15.14 21.30 -11.01
C ASN A 97 14.20 21.76 -9.89
N PRO A 98 14.40 21.29 -8.67
CA PRO A 98 13.64 21.86 -7.54
C PRO A 98 13.85 23.36 -7.48
N ARG A 99 12.73 24.07 -7.30
CA ARG A 99 12.55 25.51 -7.27
C ARG A 99 12.72 26.17 -8.64
N GLN A 100 12.91 25.39 -9.70
CA GLN A 100 12.98 25.96 -11.03
C GLN A 100 11.59 26.07 -11.62
N SER A 101 11.34 27.19 -12.31
CA SER A 101 10.06 27.42 -12.95
C SER A 101 9.74 26.29 -13.92
N LEU A 102 8.51 25.77 -13.83
CA LEU A 102 8.06 24.74 -14.76
C LEU A 102 8.03 25.27 -16.18
N LEU A 103 7.54 26.51 -16.36
CA LEU A 103 7.48 27.10 -17.68
C LEU A 103 8.87 27.29 -18.26
N GLU A 104 9.81 27.72 -17.42
CA GLU A 104 11.19 27.87 -17.88
C GLU A 104 11.77 26.54 -18.33
N ALA A 105 11.57 25.48 -17.54
CA ALA A 105 12.07 24.16 -17.95
C ALA A 105 11.35 23.68 -19.20
N PHE A 106 10.04 23.93 -19.30
CA PHE A 106 9.28 23.54 -20.49
C PHE A 106 9.88 24.15 -21.76
N HIS A 107 10.18 25.46 -21.74
CA HIS A 107 10.70 26.10 -22.94
C HIS A 107 12.10 25.59 -23.29
N THR A 108 12.94 25.37 -22.27
CA THR A 108 14.23 24.72 -22.53
C THR A 108 14.05 23.37 -23.22
N TRP A 109 13.12 22.53 -22.72
CA TRP A 109 12.92 21.23 -23.34
C TRP A 109 12.31 21.33 -24.74
N ARG A 110 11.45 22.32 -24.98
CA ARG A 110 10.94 22.55 -26.34
C ARG A 110 12.09 22.86 -27.30
N GLY A 111 13.04 23.69 -26.86
CA GLY A 111 14.22 23.94 -27.68
C GLY A 111 14.98 22.66 -28.00
N TRP A 112 15.18 21.83 -26.99
CA TRP A 112 15.89 20.57 -27.19
C TRP A 112 15.14 19.65 -28.16
N ALA A 113 13.81 19.56 -28.00
CA ALA A 113 13.00 18.62 -28.79
C ALA A 113 12.73 19.10 -30.21
N GLN A 114 13.10 20.34 -30.52
CA GLN A 114 12.82 20.88 -31.85
C GLN A 114 13.42 20.02 -32.95
N LYS A 115 14.51 19.31 -32.67
CA LYS A 115 15.21 18.52 -33.68
C LYS A 115 14.58 17.15 -33.91
N SER A 116 13.49 16.82 -33.22
CA SER A 116 12.86 15.52 -33.41
C SER A 116 12.50 15.28 -34.87
N ALA A 117 12.65 14.03 -35.30
CA ALA A 117 12.30 13.56 -36.64
C ALA A 117 10.86 13.07 -36.72
N ALA A 118 10.16 12.95 -35.59
CA ALA A 118 8.79 12.47 -35.54
C ALA A 118 8.06 13.22 -34.45
N ASP A 119 6.73 13.06 -34.43
CA ASP A 119 5.90 13.81 -33.50
C ASP A 119 6.29 13.51 -32.06
N TYR A 120 6.18 14.53 -31.21
CA TYR A 120 6.61 14.40 -29.82
C TYR A 120 5.75 15.28 -28.92
N GLY A 121 5.66 14.91 -27.65
CA GLY A 121 4.96 15.67 -26.64
C GLY A 121 5.64 15.49 -25.30
N PHE A 122 5.12 16.16 -24.28
CA PHE A 122 5.74 16.15 -22.96
C PHE A 122 4.76 15.85 -21.85
N HIS A 123 5.18 15.02 -20.90
CA HIS A 123 4.71 15.11 -19.53
C HIS A 123 5.58 16.15 -18.82
N VAL A 124 5.05 16.79 -17.79
CA VAL A 124 5.84 17.71 -16.98
C VAL A 124 5.90 17.15 -15.56
N ALA A 125 7.12 17.06 -15.02
CA ALA A 125 7.31 16.48 -13.70
C ALA A 125 7.15 17.53 -12.62
N ILE A 126 6.55 17.12 -11.51
CA ILE A 126 6.30 17.97 -10.37
C ILE A 126 7.42 17.67 -9.37
N THR A 127 8.55 18.35 -9.52
CA THR A 127 9.74 18.08 -8.73
C THR A 127 9.84 18.92 -7.46
N TRP A 128 8.87 19.80 -7.22
CA TRP A 128 8.78 20.61 -6.02
C TRP A 128 7.37 21.19 -6.06
N TRP A 129 6.95 21.78 -4.95
CA TRP A 129 5.58 22.29 -4.85
C TRP A 129 5.54 23.69 -4.27
N SER A 130 4.65 24.52 -4.81
CA SER A 130 4.32 25.83 -4.26
C SER A 130 3.12 26.36 -5.05
N ASP A 131 2.61 27.53 -4.64
CA ASP A 131 1.55 28.21 -5.38
C ASP A 131 1.98 28.52 -6.81
N GLU A 132 3.29 28.75 -7.03
CA GLU A 132 3.72 29.04 -8.39
C GLU A 132 3.73 27.77 -9.24
N VAL A 133 4.14 26.65 -8.66
CA VAL A 133 4.03 25.37 -9.35
C VAL A 133 2.58 25.11 -9.75
N ALA A 134 1.65 25.30 -8.80
CA ALA A 134 0.24 25.08 -9.09
C ALA A 134 -0.27 26.02 -10.16
N ARG A 135 0.20 27.27 -10.18
CA ARG A 135 -0.20 28.20 -11.24
C ARG A 135 0.37 27.80 -12.59
N GLU A 136 1.65 27.41 -12.63
CA GLU A 136 2.27 27.10 -13.91
C GLU A 136 1.68 25.82 -14.52
N MET A 137 1.25 24.88 -13.67
CA MET A 137 0.54 23.71 -14.16
C MET A 137 -0.68 24.12 -14.98
N GLY A 138 -1.43 25.11 -14.48
CA GLY A 138 -2.61 25.56 -15.21
C GLY A 138 -2.26 26.22 -16.54
N GLU A 139 -1.22 27.04 -16.55
CA GLU A 139 -0.77 27.61 -17.80
C GLU A 139 -0.28 26.54 -18.76
N LEU A 140 0.41 25.50 -18.25
CA LEU A 140 0.86 24.44 -19.14
C LEU A 140 -0.30 23.71 -19.80
N VAL A 141 -1.37 23.47 -19.04
CA VAL A 141 -2.54 22.78 -19.59
C VAL A 141 -3.29 23.68 -20.56
N ALA A 142 -3.54 24.94 -20.16
CA ALA A 142 -4.37 25.84 -20.95
C ALA A 142 -3.67 26.35 -22.20
N GLN A 143 -2.35 26.54 -22.15
CA GLN A 143 -1.66 27.22 -23.24
C GLN A 143 -0.60 26.39 -23.96
N HIS A 144 -0.08 25.31 -23.37
CA HIS A 144 1.06 24.62 -23.96
C HIS A 144 0.77 23.15 -24.28
N GLY A 145 -0.50 22.73 -24.25
CA GLY A 145 -0.86 21.40 -24.72
C GLY A 145 -0.38 20.23 -23.88
N VAL A 146 -0.12 20.46 -22.62
CA VAL A 146 0.24 19.40 -21.68
C VAL A 146 -1.03 18.96 -20.96
N ASN A 147 -1.21 17.64 -20.79
CA ASN A 147 -2.33 17.16 -19.99
C ASN A 147 -1.94 16.06 -19.00
N SER A 148 -0.65 15.93 -18.69
CA SER A 148 -0.23 14.93 -17.72
C SER A 148 0.99 15.41 -16.97
N PHE A 149 1.03 15.10 -15.68
CA PHE A 149 2.06 15.56 -14.77
C PHE A 149 2.66 14.38 -14.04
N LYS A 150 4.00 14.32 -14.03
CA LYS A 150 4.73 13.18 -13.52
C LYS A 150 5.22 13.45 -12.10
N HIS A 151 5.12 12.42 -11.26
CA HIS A 151 5.52 12.48 -9.86
C HIS A 151 6.49 11.36 -9.55
N PHE A 152 7.64 11.69 -8.97
CA PHE A 152 8.64 10.71 -8.59
C PHE A 152 8.52 10.46 -7.09
N MET A 153 8.18 9.22 -6.72
CA MET A 153 8.08 8.91 -5.31
C MET A 153 9.41 8.46 -4.71
N ALA A 154 10.41 8.21 -5.56
CA ALA A 154 11.76 7.89 -5.16
C ALA A 154 12.62 9.15 -5.26
N TYR A 155 13.95 8.97 -5.20
CA TYR A 155 14.91 10.07 -5.30
C TYR A 155 14.76 11.04 -4.12
N LYS A 156 14.84 10.48 -2.92
CA LYS A 156 14.85 11.26 -1.69
C LYS A 156 15.98 12.30 -1.71
N ASN A 157 15.72 13.48 -1.15
CA ASN A 157 16.63 14.62 -1.11
C ASN A 157 16.94 15.18 -2.50
N ALA A 158 16.22 14.76 -3.53
CA ALA A 158 16.36 15.34 -4.86
C ALA A 158 14.98 15.82 -5.30
N ILE A 159 14.22 14.98 -6.02
CA ILE A 159 12.96 15.42 -6.61
C ILE A 159 11.75 14.66 -6.04
N MET A 160 11.93 13.95 -4.94
CA MET A 160 10.85 13.13 -4.39
C MET A 160 9.63 13.96 -4.05
N ALA A 161 8.46 13.47 -4.47
CA ALA A 161 7.19 14.06 -4.08
C ALA A 161 6.61 13.23 -2.94
N ALA A 162 6.63 13.79 -1.73
CA ALA A 162 6.04 13.15 -0.56
C ALA A 162 4.52 13.27 -0.61
N ASP A 163 3.86 12.67 0.40
CA ASP A 163 2.39 12.59 0.40
C ASP A 163 1.75 13.97 0.25
N ASP A 164 2.27 14.98 0.94
CA ASP A 164 1.61 16.28 0.90
C ASP A 164 1.71 16.90 -0.48
N THR A 165 2.83 16.71 -1.17
CA THR A 165 2.94 17.15 -2.56
C THR A 165 2.03 16.33 -3.47
N LEU A 166 2.01 15.00 -3.33
CA LEU A 166 1.13 14.18 -4.16
C LEU A 166 -0.32 14.60 -3.99
N VAL A 167 -0.74 14.81 -2.74
CA VAL A 167 -2.11 15.22 -2.46
C VAL A 167 -2.43 16.52 -3.17
N ALA A 168 -1.58 17.53 -2.96
CA ALA A 168 -1.85 18.85 -3.49
C ALA A 168 -1.77 18.85 -5.01
N SER A 169 -0.80 18.13 -5.58
CA SER A 169 -0.66 18.09 -7.03
C SER A 169 -1.78 17.27 -7.67
N PHE A 170 -2.17 16.15 -7.07
CA PHE A 170 -3.28 15.38 -7.61
C PHE A 170 -4.55 16.22 -7.60
N GLU A 171 -4.78 16.95 -6.50
CA GLU A 171 -5.91 17.88 -6.45
C GLU A 171 -5.84 18.90 -7.59
N ARG A 172 -4.64 19.41 -7.89
CA ARG A 172 -4.50 20.32 -9.01
C ARG A 172 -4.81 19.63 -10.34
N CYS A 173 -4.32 18.40 -10.53
CA CYS A 173 -4.61 17.67 -11.77
C CYS A 173 -6.11 17.53 -11.98
N LEU A 174 -6.84 17.21 -10.91
CA LEU A 174 -8.29 17.09 -10.99
C LEU A 174 -8.93 18.39 -11.45
N GLU A 175 -8.52 19.51 -10.85
CA GLU A 175 -9.04 20.82 -11.25
C GLU A 175 -8.78 21.13 -12.72
N LEU A 176 -7.68 20.61 -13.27
CA LEU A 176 -7.29 20.93 -14.64
C LEU A 176 -7.70 19.87 -15.66
N GLY A 177 -8.27 18.75 -15.22
CA GLY A 177 -8.52 17.64 -16.12
C GLY A 177 -7.27 16.96 -16.65
N ALA A 178 -6.19 16.94 -15.86
CA ALA A 178 -4.92 16.35 -16.27
C ALA A 178 -4.73 15.00 -15.60
N VAL A 179 -3.94 14.14 -16.24
CA VAL A 179 -3.72 12.78 -15.77
C VAL A 179 -2.48 12.77 -14.87
N PRO A 180 -2.60 12.39 -13.58
CA PRO A 180 -1.40 12.20 -12.76
C PRO A 180 -0.69 10.92 -13.15
N THR A 181 0.64 11.00 -13.30
CA THR A 181 1.46 9.82 -13.53
C THR A 181 2.52 9.73 -12.45
N VAL A 182 2.95 8.51 -12.14
CA VAL A 182 3.76 8.27 -10.96
C VAL A 182 4.86 7.26 -11.27
N HIS A 183 6.09 7.57 -10.86
CA HIS A 183 7.18 6.61 -10.71
C HIS A 183 7.11 6.05 -9.29
N ALA A 184 6.64 4.80 -9.14
CA ALA A 184 6.23 4.26 -7.84
C ALA A 184 7.34 3.40 -7.23
N GLU A 185 8.21 4.04 -6.44
CA GLU A 185 9.18 3.36 -5.57
C GLU A 185 9.26 4.16 -4.28
N ASN A 186 9.32 3.49 -3.14
CA ASN A 186 9.39 4.20 -1.87
C ASN A 186 10.79 4.78 -1.68
N GLY A 187 10.91 6.10 -1.71
CA GLY A 187 12.23 6.73 -1.66
C GLY A 187 12.93 6.54 -0.34
N GLU A 188 12.17 6.51 0.77
CA GLU A 188 12.78 6.33 2.07
C GLU A 188 13.42 4.94 2.18
N LEU A 189 12.71 3.91 1.74
CA LEU A 189 13.25 2.54 1.77
C LEU A 189 14.43 2.39 0.84
N VAL A 190 14.38 3.00 -0.35
CA VAL A 190 15.52 2.93 -1.27
C VAL A 190 16.76 3.53 -0.62
N PHE A 191 16.63 4.75 -0.08
CA PHE A 191 17.73 5.44 0.58
C PHE A 191 18.29 4.61 1.72
N HIS A 192 17.40 4.06 2.57
CA HIS A 192 17.88 3.24 3.68
C HIS A 192 18.66 2.03 3.18
N LEU A 193 18.15 1.35 2.14
CA LEU A 193 18.83 0.16 1.65
C LEU A 193 20.14 0.50 0.95
N GLN A 194 20.16 1.58 0.17
CA GLN A 194 21.40 2.00 -0.48
C GLN A 194 22.52 2.24 0.53
N GLN A 195 22.22 3.00 1.59
CA GLN A 195 23.23 3.32 2.59
C GLN A 195 23.61 2.09 3.40
N LYS A 196 22.66 1.21 3.69
CA LYS A 196 22.99 -0.04 4.37
C LYS A 196 23.93 -0.90 3.54
N LEU A 197 23.67 -1.00 2.22
CA LEU A 197 24.48 -1.87 1.37
C LEU A 197 25.88 -1.31 1.17
N LEU A 198 26.00 0.02 1.02
CA LEU A 198 27.32 0.62 0.85
C LEU A 198 28.17 0.44 2.10
N ALA A 199 27.58 0.62 3.30
CA ALA A 199 28.32 0.43 4.54
C ALA A 199 28.76 -1.03 4.73
N GLN A 200 28.07 -1.97 4.09
CA GLN A 200 28.50 -3.36 4.04
C GLN A 200 29.60 -3.59 3.01
N GLY A 201 29.96 -2.58 2.22
CA GLY A 201 30.94 -2.74 1.17
C GLY A 201 30.42 -3.24 -0.16
N LEU A 202 29.11 -3.40 -0.34
CA LEU A 202 28.57 -3.86 -1.61
C LEU A 202 28.36 -2.66 -2.52
N THR A 203 29.39 -2.37 -3.30
CA THR A 203 29.38 -1.20 -4.17
C THR A 203 29.05 -1.53 -5.62
N GLY A 204 29.05 -2.81 -5.99
CA GLY A 204 28.89 -3.21 -7.39
C GLY A 204 27.45 -3.18 -7.85
N PRO A 205 27.25 -3.35 -9.15
CA PRO A 205 25.89 -3.30 -9.71
C PRO A 205 24.95 -4.34 -9.15
N GLU A 206 25.48 -5.47 -8.62
CA GLU A 206 24.62 -6.49 -8.02
C GLU A 206 23.87 -5.97 -6.79
N ALA A 207 24.34 -4.87 -6.18
CA ALA A 207 23.62 -4.28 -5.07
C ALA A 207 22.44 -3.42 -5.51
N HIS A 208 22.40 -3.01 -6.79
CA HIS A 208 21.30 -2.17 -7.26
C HIS A 208 19.95 -2.84 -7.12
N PRO A 209 19.72 -4.08 -7.61
CA PRO A 209 18.41 -4.71 -7.32
C PRO A 209 18.16 -4.85 -5.83
N LEU A 210 19.18 -5.22 -5.05
CA LEU A 210 18.97 -5.39 -3.61
C LEU A 210 18.59 -4.08 -2.92
N SER A 211 18.94 -2.93 -3.50
CA SER A 211 18.63 -1.63 -2.91
C SER A 211 17.19 -1.18 -3.15
N ARG A 212 16.45 -1.83 -4.05
CA ARG A 212 15.04 -1.49 -4.28
C ARG A 212 14.27 -2.74 -4.65
N PRO A 213 14.07 -3.64 -3.70
CA PRO A 213 13.38 -4.90 -3.97
C PRO A 213 11.90 -4.65 -4.24
N PRO A 214 11.19 -5.68 -4.74
CA PRO A 214 9.83 -5.45 -5.33
C PRO A 214 8.81 -4.82 -4.38
N GLN A 215 8.87 -5.08 -3.08
CA GLN A 215 7.88 -4.51 -2.18
C GLN A 215 8.03 -3.01 -2.03
N VAL A 216 9.19 -2.48 -2.41
CA VAL A 216 9.39 -1.04 -2.40
C VAL A 216 8.56 -0.38 -3.50
N GLU A 217 8.42 -1.07 -4.63
CA GLU A 217 7.56 -0.63 -5.71
C GLU A 217 6.08 -0.88 -5.38
N GLY A 218 5.79 -2.06 -4.80
CA GLY A 218 4.42 -2.37 -4.42
C GLY A 218 3.84 -1.39 -3.41
N GLU A 219 4.65 -1.00 -2.42
CA GLU A 219 4.18 -0.03 -1.44
C GLU A 219 3.81 1.28 -2.12
N ALA A 220 4.73 1.82 -2.92
CA ALA A 220 4.49 3.10 -3.58
C ALA A 220 3.32 3.04 -4.55
N ALA A 221 3.12 1.90 -5.20
CA ALA A 221 1.95 1.75 -6.07
C ALA A 221 0.66 1.84 -5.26
N SER A 222 0.57 1.04 -4.21
CA SER A 222 -0.57 1.10 -3.30
C SER A 222 -0.84 2.52 -2.83
N ARG A 223 0.20 3.27 -2.48
CA ARG A 223 0.00 4.61 -1.92
C ARG A 223 -0.50 5.60 -2.99
N ALA A 224 0.13 5.63 -4.18
CA ALA A 224 -0.36 6.54 -5.22
C ALA A 224 -1.78 6.18 -5.63
N ILE A 225 -2.07 4.88 -5.71
CA ILE A 225 -3.40 4.41 -6.10
C ILE A 225 -4.43 4.89 -5.10
N ARG A 226 -4.13 4.79 -3.81
CA ARG A 226 -5.12 5.15 -2.81
C ARG A 226 -5.18 6.66 -2.57
N ILE A 227 -4.10 7.40 -2.84
CA ILE A 227 -4.23 8.85 -2.93
C ILE A 227 -5.13 9.22 -4.10
N ALA A 228 -4.98 8.54 -5.24
CA ALA A 228 -5.81 8.80 -6.40
C ALA A 228 -7.29 8.49 -6.13
N GLU A 229 -7.58 7.36 -5.47
CA GLU A 229 -8.96 7.06 -5.12
C GLU A 229 -9.54 8.13 -4.20
N THR A 230 -8.78 8.53 -3.18
CA THR A 230 -9.28 9.49 -2.20
C THR A 230 -9.56 10.85 -2.84
N LEU A 231 -8.70 11.28 -3.76
CA LEU A 231 -8.84 12.59 -4.37
C LEU A 231 -9.78 12.57 -5.57
N GLY A 232 -10.08 11.41 -6.12
CA GLY A 232 -10.97 11.30 -7.25
C GLY A 232 -10.33 11.55 -8.61
N THR A 233 -9.09 11.10 -8.81
CA THR A 233 -8.42 11.27 -10.10
C THR A 233 -8.16 9.93 -10.76
N PRO A 234 -7.92 9.89 -12.07
CA PRO A 234 -7.30 8.68 -12.64
C PRO A 234 -5.85 8.60 -12.21
N LEU A 235 -5.15 7.53 -12.61
CA LEU A 235 -3.76 7.38 -12.21
C LEU A 235 -3.06 6.49 -13.22
N TYR A 236 -1.93 6.96 -13.73
CA TYR A 236 -1.08 6.21 -14.65
C TYR A 236 0.22 5.87 -13.91
N LEU A 237 0.52 4.58 -13.75
CA LEU A 237 1.76 4.17 -13.12
C LEU A 237 2.77 3.79 -14.19
N VAL A 238 3.90 4.52 -14.22
CA VAL A 238 4.92 4.27 -15.24
C VAL A 238 5.66 2.97 -14.92
N HIS A 239 6.27 2.40 -15.97
CA HIS A 239 6.99 1.11 -16.00
C HIS A 239 6.90 0.28 -14.71
N ILE A 240 5.83 -0.50 -14.61
CA ILE A 240 5.64 -1.46 -13.53
C ILE A 240 6.55 -2.66 -13.79
N SER A 241 7.21 -3.17 -12.73
CA SER A 241 8.11 -4.31 -12.87
C SER A 241 7.79 -5.49 -11.95
N SER A 242 6.93 -5.32 -10.97
CA SER A 242 6.80 -6.32 -9.93
C SER A 242 5.36 -6.84 -9.85
N ARG A 243 5.26 -8.10 -9.46
CA ARG A 243 3.96 -8.69 -9.17
C ARG A 243 3.23 -7.86 -8.11
N GLU A 244 3.97 -7.42 -7.07
CA GLU A 244 3.41 -6.60 -6.01
C GLU A 244 2.69 -5.36 -6.57
N ALA A 245 3.38 -4.57 -7.38
CA ALA A 245 2.72 -3.38 -7.92
C ALA A 245 1.58 -3.77 -8.84
N LEU A 246 1.79 -4.77 -9.70
CA LEU A 246 0.71 -5.21 -10.57
C LEU A 246 -0.52 -5.63 -9.78
N ASP A 247 -0.33 -6.38 -8.68
CA ASP A 247 -1.47 -6.81 -7.88
C ASP A 247 -2.21 -5.63 -7.26
N GLU A 248 -1.49 -4.57 -6.88
CA GLU A 248 -2.18 -3.37 -6.40
C GLU A 248 -3.00 -2.71 -7.50
N ILE A 249 -2.48 -2.67 -8.72
CA ILE A 249 -3.26 -2.12 -9.82
C ILE A 249 -4.52 -2.95 -10.03
N ALA A 250 -4.34 -4.28 -10.08
CA ALA A 250 -5.46 -5.18 -10.32
C ALA A 250 -6.50 -5.07 -9.20
N TYR A 251 -6.03 -4.94 -7.95
CA TYR A 251 -6.95 -4.79 -6.83
C TYR A 251 -7.82 -3.56 -6.98
N ALA A 252 -7.21 -2.43 -7.35
CA ALA A 252 -7.97 -1.19 -7.52
C ALA A 252 -8.90 -1.26 -8.72
N ARG A 253 -8.44 -1.84 -9.84
CA ARG A 253 -9.28 -1.91 -11.03
C ARG A 253 -10.47 -2.83 -10.75
N ALA A 254 -10.27 -3.86 -9.93
CA ALA A 254 -11.37 -4.74 -9.57
C ALA A 254 -12.50 -3.98 -8.87
N LYS A 255 -12.18 -2.94 -8.10
CA LYS A 255 -13.17 -2.05 -7.50
C LYS A 255 -13.67 -0.94 -8.45
N GLY A 256 -13.32 -0.97 -9.74
CA GLY A 256 -13.77 0.08 -10.65
C GLY A 256 -12.95 1.36 -10.67
N GLN A 257 -11.74 1.34 -10.12
CA GLN A 257 -10.95 2.56 -10.11
C GLN A 257 -10.20 2.67 -11.44
N PRO A 258 -10.14 3.87 -12.03
CA PRO A 258 -9.37 4.07 -13.28
C PRO A 258 -7.86 4.18 -13.05
N VAL A 259 -7.17 3.04 -13.04
CA VAL A 259 -5.74 2.95 -12.82
C VAL A 259 -5.12 2.25 -14.03
N TYR A 260 -4.11 2.88 -14.61
CA TYR A 260 -3.45 2.34 -15.81
C TYR A 260 -2.01 1.99 -15.46
N GLY A 261 -1.51 0.92 -16.05
CA GLY A 261 -0.14 0.49 -15.86
C GLY A 261 0.64 0.41 -17.15
N GLU A 262 1.88 0.91 -17.11
CA GLU A 262 2.79 0.87 -18.24
C GLU A 262 3.87 -0.17 -17.96
N VAL A 263 4.36 -0.84 -19.03
CA VAL A 263 5.39 -1.86 -18.87
C VAL A 263 6.41 -1.76 -20.00
N LEU A 264 7.67 -2.10 -19.68
CA LEU A 264 8.77 -2.15 -20.64
C LEU A 264 9.06 -3.59 -21.08
N ALA A 265 9.57 -3.73 -22.31
CA ALA A 265 9.96 -5.05 -22.81
C ALA A 265 10.98 -5.71 -21.90
N GLY A 266 11.96 -4.93 -21.42
CA GLY A 266 12.96 -5.47 -20.50
C GLY A 266 12.36 -6.15 -19.28
N HIS A 267 11.35 -5.54 -18.67
CA HIS A 267 10.75 -6.15 -17.49
C HIS A 267 9.85 -7.33 -17.84
N LEU A 268 9.52 -7.49 -19.12
CA LEU A 268 8.81 -8.68 -19.60
C LEU A 268 9.74 -9.86 -19.87
N LEU A 269 11.01 -9.59 -20.13
CA LEU A 269 11.90 -10.59 -20.73
C LEU A 269 13.21 -10.79 -19.99
N LEU A 270 13.61 -9.88 -19.12
CA LEU A 270 14.87 -10.02 -18.41
C LEU A 270 14.61 -10.26 -16.94
N ASP A 271 15.51 -11.00 -16.32
CA ASP A 271 15.47 -11.22 -14.88
C ASP A 271 16.73 -10.62 -14.26
N ASP A 272 16.75 -10.62 -12.93
CA ASP A 272 17.76 -9.86 -12.20
C ASP A 272 19.14 -10.53 -12.19
N SER A 273 19.27 -11.74 -12.72
CA SER A 273 20.60 -12.33 -12.82
C SER A 273 21.56 -11.49 -13.67
N VAL A 274 21.04 -10.58 -14.51
CA VAL A 274 21.90 -9.72 -15.31
C VAL A 274 22.79 -8.83 -14.44
N TYR A 275 22.36 -8.49 -13.23
CA TYR A 275 23.20 -7.62 -12.41
C TYR A 275 24.38 -8.36 -11.79
N ARG A 276 24.45 -9.69 -11.92
CA ARG A 276 25.56 -10.45 -11.38
C ARG A 276 26.56 -10.85 -12.46
N HIS A 277 26.52 -10.20 -13.62
CA HIS A 277 27.46 -10.51 -14.68
C HIS A 277 28.88 -10.16 -14.24
N PRO A 278 29.86 -11.03 -14.50
CA PRO A 278 31.23 -10.76 -14.01
C PRO A 278 31.86 -9.52 -14.59
N ASP A 279 31.47 -9.12 -15.79
CA ASP A 279 32.02 -7.92 -16.40
C ASP A 279 31.25 -6.71 -15.87
N TRP A 280 31.96 -5.79 -15.22
CA TRP A 280 31.29 -4.67 -14.56
C TRP A 280 30.42 -3.86 -15.53
N ALA A 281 30.95 -3.57 -16.72
CA ALA A 281 30.25 -2.70 -17.66
C ALA A 281 28.98 -3.35 -18.18
N THR A 282 29.03 -4.67 -18.35
CA THR A 282 27.86 -5.42 -18.79
C THR A 282 26.75 -5.36 -17.74
N ALA A 283 27.10 -5.62 -16.48
CA ALA A 283 26.14 -5.53 -15.39
C ALA A 283 25.55 -4.12 -15.28
N ALA A 284 26.42 -3.10 -15.38
CA ALA A 284 25.98 -1.72 -15.27
C ALA A 284 25.08 -1.30 -16.44
N GLY A 285 25.25 -1.92 -17.62
CA GLY A 285 24.39 -1.62 -18.75
C GLY A 285 22.91 -1.82 -18.45
N TYR A 286 22.59 -2.73 -17.53
CA TYR A 286 21.23 -3.04 -17.13
C TYR A 286 20.70 -2.19 -15.98
N VAL A 287 21.50 -1.28 -15.44
CA VAL A 287 21.08 -0.55 -14.24
C VAL A 287 20.06 0.51 -14.63
N MET A 288 18.82 0.33 -14.18
CA MET A 288 17.73 1.25 -14.37
C MET A 288 16.78 1.06 -13.19
N SER A 289 15.84 1.98 -13.01
CA SER A 289 14.88 1.90 -11.91
C SER A 289 13.47 1.97 -12.48
N PRO A 290 12.59 0.99 -12.19
CA PRO A 290 12.92 -0.15 -11.32
C PRO A 290 13.86 -1.15 -11.98
N PRO A 291 14.61 -1.89 -11.18
CA PRO A 291 15.58 -2.84 -11.75
C PRO A 291 14.85 -4.08 -12.26
N PHE A 292 15.56 -4.87 -13.05
CA PHE A 292 15.01 -6.15 -13.46
C PHE A 292 14.91 -7.09 -12.25
N ARG A 293 13.94 -8.00 -12.30
CA ARG A 293 13.37 -8.72 -11.17
C ARG A 293 13.53 -10.23 -11.31
N PRO A 294 13.38 -11.00 -10.22
CA PRO A 294 13.36 -12.46 -10.32
C PRO A 294 12.29 -12.96 -11.29
N VAL A 295 12.50 -14.17 -11.83
CA VAL A 295 11.75 -14.62 -13.00
C VAL A 295 10.24 -14.67 -12.75
N GLU A 296 9.81 -15.01 -11.52
CA GLU A 296 8.37 -15.06 -11.24
C GLU A 296 7.66 -13.77 -11.65
N HIS A 297 8.37 -12.64 -11.62
CA HIS A 297 7.74 -11.35 -11.91
C HIS A 297 7.44 -11.18 -13.39
N GLN A 298 8.28 -11.72 -14.28
CA GLN A 298 8.02 -11.59 -15.71
C GLN A 298 6.70 -12.26 -16.09
N GLU A 299 6.46 -13.48 -15.57
CA GLU A 299 5.21 -14.17 -15.84
C GLU A 299 4.03 -13.38 -15.32
N ALA A 300 4.17 -12.75 -14.16
CA ALA A 300 3.09 -11.93 -13.63
C ALA A 300 2.76 -10.77 -14.56
N LEU A 301 3.78 -10.13 -15.15
CA LEU A 301 3.51 -9.00 -16.04
C LEU A 301 2.82 -9.44 -17.33
N TRP A 302 3.23 -10.58 -17.91
CA TRP A 302 2.55 -11.07 -19.11
C TRP A 302 1.07 -11.32 -18.83
N ARG A 303 0.76 -11.84 -17.66
CA ARG A 303 -0.63 -12.09 -17.30
C ARG A 303 -1.39 -10.78 -17.12
N GLY A 304 -0.72 -9.75 -16.58
CA GLY A 304 -1.34 -8.44 -16.48
C GLY A 304 -1.67 -7.87 -17.85
N LEU A 305 -0.79 -8.07 -18.81
CA LEU A 305 -1.11 -7.68 -20.19
C LEU A 305 -2.32 -8.46 -20.69
N GLN A 306 -2.32 -9.78 -20.50
CA GLN A 306 -3.41 -10.60 -21.05
C GLN A 306 -4.73 -10.33 -20.34
N SER A 307 -4.70 -9.95 -19.07
CA SER A 307 -5.92 -9.74 -18.30
C SER A 307 -6.44 -8.32 -18.40
N GLY A 308 -5.72 -7.40 -19.02
CA GLY A 308 -6.17 -6.03 -19.07
C GLY A 308 -5.88 -5.24 -17.80
N ASN A 309 -4.88 -5.65 -17.03
CA ASN A 309 -4.46 -4.86 -15.87
C ASN A 309 -3.17 -4.10 -16.13
N LEU A 310 -2.50 -4.37 -17.25
CA LEU A 310 -1.45 -3.51 -17.80
C LEU A 310 -1.94 -3.05 -19.16
N HIS A 311 -1.66 -1.80 -19.50
CA HIS A 311 -2.35 -1.12 -20.60
C HIS A 311 -1.44 -0.57 -21.69
N THR A 312 -0.19 -0.23 -21.39
CA THR A 312 0.65 0.42 -22.38
C THR A 312 2.05 -0.18 -22.33
N THR A 313 2.76 -0.09 -23.44
CA THR A 313 4.18 -0.42 -23.45
C THR A 313 4.97 0.84 -23.76
N ALA A 314 6.18 0.90 -23.20
CA ALA A 314 7.07 2.04 -23.31
C ALA A 314 8.49 1.52 -23.18
N THR A 315 9.47 2.43 -23.15
CA THR A 315 10.84 1.97 -23.07
C THR A 315 11.70 2.61 -21.99
N ASP A 316 11.26 3.71 -21.37
CA ASP A 316 12.13 4.42 -20.43
C ASP A 316 13.46 4.76 -21.12
N HIS A 317 13.39 5.17 -22.39
CA HIS A 317 14.56 5.30 -23.24
C HIS A 317 15.53 6.35 -22.71
N CYS A 318 16.63 5.89 -22.11
CA CYS A 318 17.47 6.75 -21.27
C CYS A 318 18.91 6.23 -21.39
N CYS A 319 19.63 6.76 -22.37
CA CYS A 319 20.87 6.14 -22.88
C CYS A 319 22.11 6.73 -22.23
N PHE A 320 22.96 5.84 -21.70
CA PHE A 320 24.27 6.24 -21.18
C PHE A 320 25.30 5.21 -21.63
N CYS A 321 26.43 5.70 -22.16
CA CYS A 321 27.48 4.82 -22.64
C CYS A 321 28.38 4.37 -21.49
N ALA A 322 29.34 3.48 -21.79
CA ALA A 322 30.21 2.87 -20.79
C ALA A 322 30.85 3.92 -19.89
N GLU A 323 31.53 4.91 -20.47
CA GLU A 323 32.02 6.04 -19.67
C GLU A 323 31.02 6.65 -18.72
N GLN A 324 29.82 6.90 -19.18
CA GLN A 324 28.83 7.50 -18.30
C GLN A 324 28.41 6.53 -17.20
N LYS A 325 28.12 5.28 -17.58
CA LYS A 325 27.81 4.26 -16.57
C LYS A 325 28.91 4.16 -15.53
N ALA A 326 30.17 4.25 -15.98
CA ALA A 326 31.31 4.07 -15.09
C ALA A 326 31.48 5.22 -14.08
N MET A 327 30.68 6.28 -14.17
CA MET A 327 30.64 7.24 -13.08
C MET A 327 30.30 6.59 -11.73
N GLY A 328 29.69 5.41 -11.75
CA GLY A 328 29.43 4.66 -10.53
C GLY A 328 30.30 3.44 -10.36
N ARG A 329 31.51 3.45 -10.91
CA ARG A 329 32.39 2.28 -10.79
C ARG A 329 32.67 1.91 -9.34
N ASP A 330 32.71 2.89 -8.43
CA ASP A 330 32.97 2.60 -7.02
C ASP A 330 31.70 2.66 -6.17
N ASP A 331 30.54 2.95 -6.75
CA ASP A 331 29.34 3.24 -5.97
C ASP A 331 28.15 3.05 -6.90
N PHE A 332 27.46 1.91 -6.78
CA PHE A 332 26.36 1.60 -7.69
C PHE A 332 25.29 2.70 -7.68
N SER A 333 25.12 3.38 -6.55
CA SER A 333 24.09 4.41 -6.45
C SER A 333 24.40 5.62 -7.32
N LYS A 334 25.61 5.71 -7.87
CA LYS A 334 26.00 6.81 -8.74
C LYS A 334 26.01 6.44 -10.21
N ILE A 335 25.67 5.21 -10.56
CA ILE A 335 25.54 4.79 -11.96
C ILE A 335 24.32 5.49 -12.53
N PRO A 336 24.45 6.29 -13.59
CA PRO A 336 23.27 6.88 -14.23
C PRO A 336 22.31 5.79 -14.68
N ASN A 337 21.07 5.87 -14.22
CA ASN A 337 20.08 4.81 -14.45
C ASN A 337 19.43 4.96 -15.82
N GLY A 338 19.28 3.84 -16.53
CA GLY A 338 18.55 3.83 -17.79
C GLY A 338 19.11 2.88 -18.83
N THR A 339 18.23 2.40 -19.71
CA THR A 339 18.56 1.50 -20.81
C THR A 339 17.92 2.05 -22.07
N ALA A 340 18.37 1.55 -23.22
CA ALA A 340 17.76 1.89 -24.50
C ALA A 340 16.67 0.89 -24.88
N GLY A 341 15.68 1.36 -25.65
CA GLY A 341 14.65 0.47 -26.14
C GLY A 341 13.70 0.97 -27.21
N ILE A 342 13.76 2.25 -27.56
CA ILE A 342 12.74 2.83 -28.43
C ILE A 342 12.70 2.11 -29.77
N GLU A 343 13.87 1.76 -30.32
CA GLU A 343 13.92 1.07 -31.59
C GLU A 343 13.47 -0.38 -31.45
N ASP A 344 13.59 -0.96 -30.25
CA ASP A 344 13.43 -2.38 -30.10
C ASP A 344 12.05 -2.77 -29.55
N ARG A 345 11.27 -1.84 -29.00
CA ARG A 345 10.07 -2.21 -28.24
C ARG A 345 9.11 -3.07 -29.06
N MET A 346 8.73 -2.61 -30.26
CA MET A 346 7.66 -3.28 -30.99
C MET A 346 8.06 -4.67 -31.48
N ALA A 347 9.28 -4.83 -32.01
CA ALA A 347 9.72 -6.16 -32.43
C ALA A 347 9.86 -7.09 -31.24
N LEU A 348 10.36 -6.58 -30.11
CA LEU A 348 10.46 -7.43 -28.93
C LEU A 348 9.09 -7.93 -28.51
N LEU A 349 8.09 -7.03 -28.47
CA LEU A 349 6.76 -7.45 -28.04
C LEU A 349 6.10 -8.37 -29.08
N TRP A 350 6.25 -8.04 -30.37
CA TRP A 350 5.67 -8.89 -31.40
C TRP A 350 6.26 -10.29 -31.37
N ASP A 351 7.59 -10.38 -31.29
CA ASP A 351 8.24 -11.68 -31.30
C ASP A 351 7.89 -12.49 -30.05
N ALA A 352 7.88 -11.86 -28.88
CA ALA A 352 7.63 -12.57 -27.63
C ALA A 352 6.15 -12.75 -27.36
N GLY A 353 5.31 -11.79 -27.78
CA GLY A 353 3.90 -11.82 -27.51
C GLY A 353 3.02 -12.42 -28.59
N VAL A 354 3.19 -11.97 -29.84
CA VAL A 354 2.32 -12.40 -30.93
C VAL A 354 2.73 -13.78 -31.45
N ASN A 355 4.02 -13.98 -31.73
CA ASN A 355 4.47 -15.26 -32.25
C ASN A 355 4.11 -16.42 -31.32
N SER A 356 4.09 -16.17 -30.01
CA SER A 356 3.87 -17.21 -29.01
C SER A 356 2.39 -17.48 -28.74
N GLY A 357 1.48 -16.62 -29.20
CA GLY A 357 0.08 -16.78 -28.87
C GLY A 357 -0.32 -16.17 -27.53
N ARG A 358 0.58 -15.49 -26.83
CA ARG A 358 0.17 -14.83 -25.60
C ARG A 358 -0.75 -13.65 -25.88
N LEU A 359 -0.53 -12.96 -27.00
CA LEU A 359 -1.25 -11.74 -27.37
C LEU A 359 -1.75 -11.86 -28.79
N SER A 360 -2.97 -11.38 -29.02
CA SER A 360 -3.43 -11.22 -30.38
C SER A 360 -2.75 -10.03 -31.03
N MET A 361 -2.79 -10.01 -32.36
CA MET A 361 -2.30 -8.83 -33.09
C MET A 361 -3.04 -7.58 -32.66
N HIS A 362 -4.34 -7.71 -32.35
CA HIS A 362 -5.10 -6.55 -31.93
C HIS A 362 -4.68 -6.08 -30.55
N GLU A 363 -4.39 -7.02 -29.63
CA GLU A 363 -3.84 -6.59 -28.36
C GLU A 363 -2.48 -5.94 -28.56
N PHE A 364 -1.68 -6.47 -29.49
CA PHE A 364 -0.40 -5.84 -29.81
C PHE A 364 -0.58 -4.39 -30.20
N VAL A 365 -1.57 -4.09 -31.05
CA VAL A 365 -1.83 -2.70 -31.44
C VAL A 365 -2.30 -1.87 -30.23
N ALA A 366 -3.26 -2.41 -29.46
CA ALA A 366 -3.74 -1.66 -28.30
C ALA A 366 -2.60 -1.34 -27.35
N LEU A 367 -1.71 -2.30 -27.14
CA LEU A 367 -0.60 -2.15 -26.21
C LEU A 367 0.54 -1.30 -26.75
N THR A 368 0.66 -1.12 -28.08
CA THR A 368 1.77 -0.34 -28.61
C THR A 368 1.39 1.08 -29.04
N SER A 369 0.10 1.38 -29.24
CA SER A 369 -0.30 2.75 -29.54
C SER A 369 -1.67 3.16 -28.98
N THR A 370 -2.69 2.35 -29.23
CA THR A 370 -4.06 2.83 -29.05
C THR A 370 -4.38 3.14 -27.59
N ASN A 371 -3.95 2.30 -26.65
CA ASN A 371 -4.26 2.56 -25.25
C ASN A 371 -3.56 3.83 -24.78
N THR A 372 -2.29 4.01 -25.13
CA THR A 372 -1.60 5.25 -24.81
C THR A 372 -2.37 6.44 -25.36
N ALA A 373 -2.78 6.35 -26.62
CA ALA A 373 -3.54 7.41 -27.25
C ALA A 373 -4.83 7.69 -26.47
N LYS A 374 -5.57 6.65 -26.11
CA LYS A 374 -6.80 6.85 -25.36
C LYS A 374 -6.54 7.51 -24.00
N ILE A 375 -5.57 6.98 -23.26
CA ILE A 375 -5.37 7.45 -21.89
C ILE A 375 -5.00 8.94 -21.88
N PHE A 376 -4.18 9.38 -22.83
CA PHE A 376 -3.69 10.75 -22.84
C PHE A 376 -4.46 11.65 -23.82
N ASN A 377 -5.66 11.22 -24.23
CA ASN A 377 -6.59 12.06 -24.99
C ASN A 377 -6.05 12.41 -26.36
N LEU A 378 -5.43 11.43 -27.03
CA LEU A 378 -4.93 11.55 -28.40
C LEU A 378 -5.62 10.57 -29.35
N PHE A 379 -6.66 9.86 -28.89
CA PHE A 379 -7.41 8.96 -29.77
C PHE A 379 -8.69 9.63 -30.26
N PRO A 380 -9.04 9.58 -31.56
CA PRO A 380 -8.37 8.81 -32.62
C PRO A 380 -7.39 9.60 -33.48
N ARG A 381 -6.89 10.75 -33.00
CA ARG A 381 -5.85 11.43 -33.77
C ARG A 381 -4.67 10.49 -34.01
N LYS A 382 -4.28 9.74 -32.98
CA LYS A 382 -3.19 8.76 -33.01
C LYS A 382 -3.74 7.39 -32.64
N GLY A 383 -2.95 6.36 -32.98
CA GLY A 383 -3.30 5.00 -32.62
C GLY A 383 -4.48 4.42 -33.36
N ALA A 384 -4.84 5.00 -34.51
CA ALA A 384 -6.07 4.65 -35.20
C ALA A 384 -5.87 4.68 -36.70
N ILE A 385 -6.44 3.69 -37.39
CA ILE A 385 -6.45 3.70 -38.85
C ILE A 385 -7.85 4.09 -39.30
N ARG A 386 -8.06 5.38 -39.52
CA ARG A 386 -9.35 5.89 -39.95
C ARG A 386 -9.17 7.25 -40.61
N VAL A 387 -10.10 7.58 -41.52
CA VAL A 387 -10.02 8.83 -42.27
C VAL A 387 -9.94 10.00 -41.30
N GLY A 388 -8.99 10.90 -41.55
CA GLY A 388 -8.79 12.06 -40.69
C GLY A 388 -7.80 11.87 -39.57
N ALA A 389 -7.36 10.64 -39.31
CA ALA A 389 -6.33 10.41 -38.30
C ALA A 389 -4.95 10.74 -38.88
N ASP A 390 -4.03 11.10 -37.99
CA ASP A 390 -2.64 11.29 -38.40
C ASP A 390 -2.11 10.04 -39.09
N ALA A 391 -1.39 10.25 -40.20
CA ALA A 391 -0.85 9.15 -41.00
C ALA A 391 0.47 8.66 -40.39
N ASP A 392 0.35 8.05 -39.21
CA ASP A 392 1.48 7.42 -38.51
C ASP A 392 1.22 5.92 -38.59
N LEU A 393 2.05 5.21 -39.36
CA LEU A 393 1.76 3.84 -39.72
C LEU A 393 3.05 3.04 -39.72
N VAL A 394 2.92 1.73 -39.52
CA VAL A 394 4.04 0.82 -39.65
C VAL A 394 3.58 -0.35 -40.51
N LEU A 395 4.41 -0.74 -41.46
CA LEU A 395 4.12 -1.90 -42.29
C LEU A 395 4.98 -3.03 -41.74
N TRP A 396 4.33 -4.11 -41.33
CA TRP A 396 4.94 -5.15 -40.51
C TRP A 396 5.10 -6.43 -41.31
N ASP A 397 6.32 -6.93 -41.33
CA ASP A 397 6.64 -8.13 -42.08
C ASP A 397 6.73 -9.28 -41.10
N PRO A 398 5.73 -10.18 -41.06
CA PRO A 398 5.73 -11.24 -40.04
C PRO A 398 6.87 -12.23 -40.20
N GLN A 399 7.47 -12.34 -41.38
CA GLN A 399 8.54 -13.29 -41.63
C GLN A 399 9.91 -12.60 -41.72
N GLY A 400 9.97 -11.29 -41.54
CA GLY A 400 11.27 -10.64 -41.52
C GLY A 400 12.00 -10.93 -40.22
N SER A 401 13.30 -10.96 -40.29
CA SER A 401 14.12 -11.32 -39.15
C SER A 401 15.08 -10.18 -38.84
N ARG A 402 15.42 -10.04 -37.57
CA ARG A 402 16.41 -9.05 -37.15
C ARG A 402 17.10 -9.58 -35.90
N THR A 403 18.39 -9.28 -35.78
CA THR A 403 19.17 -9.62 -34.59
C THR A 403 19.58 -8.30 -33.93
N LEU A 404 19.14 -8.08 -32.70
CA LEU A 404 19.39 -6.81 -32.03
C LEU A 404 20.85 -6.76 -31.60
N SER A 405 21.53 -5.65 -31.91
CA SER A 405 22.93 -5.53 -31.51
C SER A 405 23.30 -4.05 -31.33
N ALA A 406 24.12 -3.78 -30.31
CA ALA A 406 24.64 -2.42 -30.15
C ALA A 406 25.49 -2.01 -31.34
N ALA A 407 26.11 -2.98 -32.02
CA ALA A 407 26.92 -2.70 -33.19
C ALA A 407 26.09 -2.27 -34.41
N THR A 408 24.82 -2.66 -34.48
CA THR A 408 24.01 -2.37 -35.66
C THR A 408 22.77 -1.52 -35.39
N HIS A 409 22.36 -1.34 -34.16
CA HIS A 409 21.15 -0.56 -33.94
C HIS A 409 21.40 0.91 -34.23
N HIS A 410 20.33 1.66 -34.39
CA HIS A 410 20.43 3.09 -34.64
C HIS A 410 20.40 3.93 -33.38
N GLN A 411 20.15 3.32 -32.23
CA GLN A 411 20.18 4.07 -30.97
C GLN A 411 21.62 4.46 -30.65
N ARG A 412 21.83 5.76 -30.37
CA ARG A 412 23.18 6.27 -30.17
C ARG A 412 23.65 5.92 -28.75
N VAL A 413 23.98 4.64 -28.56
CA VAL A 413 24.40 4.13 -27.26
C VAL A 413 25.16 2.84 -27.55
N ASP A 414 26.11 2.50 -26.69
CA ASP A 414 27.03 1.40 -26.93
C ASP A 414 26.61 0.10 -26.24
N PHE A 415 25.33 -0.02 -25.85
CA PHE A 415 24.88 -1.19 -25.13
C PHE A 415 23.44 -1.47 -25.52
N ASN A 416 23.10 -2.75 -25.65
CA ASN A 416 21.73 -3.17 -25.90
C ASN A 416 21.40 -4.25 -24.90
N ILE A 417 20.33 -4.07 -24.13
CA ILE A 417 20.03 -5.05 -23.10
C ILE A 417 19.51 -6.35 -23.69
N PHE A 418 19.25 -6.39 -25.00
CA PHE A 418 18.88 -7.63 -25.69
C PHE A 418 19.91 -8.02 -26.75
N GLU A 419 21.17 -7.61 -26.54
CA GLU A 419 22.30 -7.99 -27.39
C GLU A 419 22.24 -9.46 -27.79
N GLY A 420 22.23 -9.73 -29.10
CA GLY A 420 22.24 -11.10 -29.59
C GLY A 420 20.88 -11.74 -29.79
N ARG A 421 19.81 -11.11 -29.33
CA ARG A 421 18.50 -11.70 -29.49
C ARG A 421 18.01 -11.58 -30.94
N THR A 422 17.56 -12.68 -31.51
CA THR A 422 16.97 -12.69 -32.85
C THR A 422 15.45 -12.73 -32.71
N VAL A 423 14.78 -11.81 -33.40
CA VAL A 423 13.33 -11.71 -33.37
C VAL A 423 12.82 -11.95 -34.78
N ARG A 424 11.62 -12.50 -34.88
CA ARG A 424 10.97 -12.69 -36.16
C ARG A 424 9.68 -11.89 -36.17
N GLY A 425 9.53 -11.04 -37.17
CA GLY A 425 8.45 -10.06 -37.21
C GLY A 425 8.99 -8.66 -36.95
N ILE A 426 9.17 -7.86 -38.00
CA ILE A 426 9.88 -6.59 -37.89
C ILE A 426 9.19 -5.54 -38.74
N PRO A 427 9.40 -4.27 -38.42
CA PRO A 427 8.86 -3.19 -39.27
C PRO A 427 9.67 -3.06 -40.55
N SER A 428 9.04 -3.28 -41.70
CA SER A 428 9.74 -3.09 -42.96
C SER A 428 9.71 -1.64 -43.41
N HIS A 429 8.62 -0.94 -43.11
CA HIS A 429 8.44 0.45 -43.48
C HIS A 429 7.74 1.17 -42.34
N THR A 430 8.14 2.42 -42.10
CA THR A 430 7.50 3.26 -41.10
C THR A 430 7.12 4.58 -41.74
N ILE A 431 5.88 5.01 -41.49
CA ILE A 431 5.31 6.19 -42.09
C ILE A 431 4.93 7.16 -40.97
N SER A 432 5.41 8.40 -41.08
CA SER A 432 5.12 9.43 -40.10
C SER A 432 4.65 10.68 -40.85
N GLN A 433 3.51 11.23 -40.45
CA GLN A 433 2.90 12.37 -41.16
C GLN A 433 2.69 12.07 -42.64
N GLY A 434 2.42 10.81 -42.96
CA GLY A 434 2.19 10.39 -44.33
C GLY A 434 3.43 10.23 -45.20
N LYS A 435 4.62 10.39 -44.64
CA LYS A 435 5.84 10.24 -45.43
C LYS A 435 6.60 9.02 -44.95
N LEU A 436 7.25 8.37 -45.91
CA LEU A 436 7.98 7.14 -45.66
C LEU A 436 9.35 7.51 -45.10
N LEU A 437 9.58 7.29 -43.80
CA LEU A 437 10.84 7.65 -43.17
C LEU A 437 11.73 6.45 -42.86
N TRP A 438 11.22 5.24 -43.03
CA TRP A 438 12.01 4.02 -42.85
C TRP A 438 11.54 3.07 -43.93
N ALA A 439 12.49 2.52 -44.68
CA ALA A 439 12.13 1.69 -45.83
C ALA A 439 13.22 0.65 -45.99
N ALA A 440 12.98 -0.55 -45.44
CA ALA A 440 13.78 -1.74 -45.65
C ALA A 440 15.28 -1.44 -45.55
N GLY A 441 15.67 -0.97 -44.37
CA GLY A 441 17.06 -0.74 -44.06
C GLY A 441 17.51 0.68 -44.21
N ASP A 442 16.72 1.53 -44.88
CA ASP A 442 17.10 2.90 -45.17
C ASP A 442 16.32 3.85 -44.27
N LEU A 443 17.05 4.61 -43.46
CA LEU A 443 16.47 5.60 -42.56
C LEU A 443 16.54 6.97 -43.22
N ARG A 444 15.38 7.63 -43.35
CA ARG A 444 15.29 8.91 -44.02
C ARG A 444 14.81 10.00 -43.08
N ALA A 445 15.08 9.85 -41.79
CA ALA A 445 14.65 10.84 -40.82
C ALA A 445 15.45 12.12 -40.99
N GLU A 446 14.77 13.26 -40.85
CA GLU A 446 15.41 14.56 -40.93
C GLU A 446 15.15 15.35 -39.65
N PRO A 447 16.15 16.03 -39.10
CA PRO A 447 15.90 16.83 -37.88
C PRO A 447 14.84 17.89 -38.12
N GLY A 448 13.93 18.03 -37.15
CA GLY A 448 12.93 19.06 -37.21
C GLY A 448 11.64 18.65 -37.88
N ALA A 449 11.58 17.47 -38.50
CA ALA A 449 10.38 17.08 -39.23
C ALA A 449 9.20 16.84 -38.30
N GLY A 450 9.43 16.41 -37.08
CA GLY A 450 8.34 16.13 -36.17
C GLY A 450 7.69 17.39 -35.65
N ARG A 451 6.41 17.28 -35.29
CA ARG A 451 5.64 18.35 -34.70
C ARG A 451 5.49 18.11 -33.20
N TYR A 452 5.38 19.21 -32.46
CA TYR A 452 4.96 19.15 -31.07
C TYR A 452 3.48 18.79 -31.01
N VAL A 453 3.12 17.77 -30.25
CA VAL A 453 1.75 17.29 -30.20
C VAL A 453 1.10 17.74 -28.89
N GLU A 454 0.11 18.62 -29.00
CA GLU A 454 -0.67 19.03 -27.84
C GLU A 454 -1.73 17.98 -27.55
N ARG A 455 -2.02 17.81 -26.26
CA ARG A 455 -3.00 16.84 -25.77
C ARG A 455 -4.07 17.60 -25.00
N PRO A 456 -5.33 17.56 -25.42
CA PRO A 456 -6.36 18.34 -24.72
C PRO A 456 -6.62 17.78 -23.34
N ALA A 457 -6.97 18.68 -22.43
CA ALA A 457 -7.37 18.31 -21.09
C ALA A 457 -8.69 17.54 -21.13
N TYR A 458 -9.05 16.97 -19.97
CA TYR A 458 -10.28 16.23 -19.69
C TYR A 458 -10.49 15.03 -20.62
N PRO A 459 -9.61 14.02 -20.60
CA PRO A 459 -9.98 12.77 -21.25
C PRO A 459 -11.28 12.27 -20.64
N SER A 460 -11.97 11.41 -21.38
CA SER A 460 -13.38 11.16 -21.06
C SER A 460 -13.56 10.49 -19.71
N VAL A 461 -12.51 9.89 -19.13
CA VAL A 461 -12.67 9.30 -17.80
C VAL A 461 -13.14 10.35 -16.79
N TYR A 462 -12.78 11.63 -17.00
CA TYR A 462 -13.23 12.64 -16.04
C TYR A 462 -14.74 12.83 -16.08
N GLU A 463 -15.40 12.42 -17.17
CA GLU A 463 -16.86 12.47 -17.21
C GLU A 463 -17.49 11.51 -16.21
N VAL A 464 -17.03 10.24 -16.18
CA VAL A 464 -17.54 9.29 -15.19
C VAL A 464 -17.18 9.74 -13.79
N LEU A 465 -15.93 10.18 -13.60
CA LEU A 465 -15.51 10.62 -12.28
C LEU A 465 -16.41 11.75 -11.80
N GLY A 466 -16.75 12.69 -12.69
CA GLY A 466 -17.63 13.79 -12.29
C GLY A 466 -18.98 13.30 -11.82
N ARG A 467 -19.59 12.38 -12.54
CA ARG A 467 -20.91 11.84 -12.14
C ARG A 467 -20.75 11.00 -10.87
N ARG A 468 -19.66 10.26 -10.76
CA ARG A 468 -19.44 9.47 -9.55
C ARG A 468 -19.34 10.37 -8.31
N ALA A 469 -18.58 11.47 -8.40
CA ALA A 469 -18.45 12.36 -7.24
C ALA A 469 -19.78 13.03 -6.89
N GLU A 470 -20.58 13.42 -7.91
CA GLU A 470 -21.93 13.94 -7.66
C GLU A 470 -22.76 12.95 -6.85
N ARG A 471 -22.80 11.69 -7.32
CA ARG A 471 -23.61 10.66 -6.68
C ARG A 471 -23.11 10.33 -5.28
N GLN A 472 -21.81 10.36 -5.05
CA GLN A 472 -21.23 10.00 -3.76
C GLN A 472 -20.93 11.22 -2.89
N ARG A 473 -21.45 12.38 -3.24
CA ARG A 473 -21.25 13.59 -2.45
C ARG A 473 -21.63 13.34 -0.99
N PRO A 474 -20.90 13.91 -0.03
CA PRO A 474 -21.37 13.83 1.36
C PRO A 474 -22.65 14.63 1.51
N VAL A 475 -23.60 14.11 2.30
CA VAL A 475 -24.84 14.82 2.61
C VAL A 475 -24.99 14.94 4.13
N ALA A 476 -25.29 16.14 4.60
CA ALA A 476 -25.38 16.38 6.04
C ALA A 476 -26.65 15.75 6.63
N VAL A 477 -26.54 15.34 7.88
CA VAL A 477 -27.67 14.86 8.67
C VAL A 477 -28.32 16.07 9.29
N GLU A 478 -29.65 16.13 9.27
CA GLU A 478 -30.35 17.26 9.83
C GLU A 478 -30.79 16.94 11.26
N ARG A 479 -30.47 17.85 12.17
CA ARG A 479 -30.54 17.63 13.61
C ARG A 479 -31.11 18.87 14.30
N SER B 2 -6.72 -20.80 48.85
CA SER B 2 -6.64 -21.45 47.54
C SER B 2 -8.05 -21.69 47.00
N LEU B 3 -8.14 -22.02 45.71
CA LEU B 3 -9.42 -22.08 45.01
C LEU B 3 -9.45 -23.25 44.04
N LEU B 4 -10.51 -24.05 44.12
CA LEU B 4 -10.65 -25.24 43.31
C LEU B 4 -11.93 -25.10 42.48
N ILE B 5 -11.77 -25.10 41.16
CA ILE B 5 -12.92 -25.05 40.25
C ILE B 5 -13.21 -26.46 39.80
N ARG B 6 -14.41 -26.91 40.09
CA ARG B 6 -14.81 -28.29 40.09
C ARG B 6 -16.05 -28.49 39.24
N GLY B 7 -16.02 -29.50 38.34
CA GLY B 7 -17.22 -29.91 37.62
C GLY B 7 -17.38 -29.29 36.24
N ALA B 8 -16.49 -28.38 35.85
CA ALA B 8 -16.59 -27.72 34.55
C ALA B 8 -15.81 -28.48 33.48
N THR B 9 -16.11 -28.15 32.22
CA THR B 9 -15.31 -28.58 31.09
C THR B 9 -14.22 -27.54 30.81
N VAL B 10 -12.96 -27.98 30.84
CA VAL B 10 -11.86 -27.11 30.43
C VAL B 10 -11.92 -26.94 28.93
N VAL B 11 -11.85 -25.69 28.46
CA VAL B 11 -11.78 -25.35 27.05
C VAL B 11 -10.53 -24.52 26.83
N THR B 12 -9.60 -25.03 26.04
CA THR B 12 -8.38 -24.32 25.68
C THR B 12 -8.49 -23.82 24.24
N HIS B 13 -7.39 -23.28 23.72
CA HIS B 13 -7.36 -22.87 22.32
C HIS B 13 -7.33 -24.06 21.36
N GLU B 14 -7.25 -25.30 21.85
CA GLU B 14 -7.14 -26.48 21.00
C GLU B 14 -8.21 -27.52 21.27
N GLU B 15 -8.63 -27.69 22.53
CA GLU B 15 -9.40 -28.87 22.90
C GLU B 15 -10.29 -28.56 24.08
N SER B 16 -11.20 -29.50 24.35
CA SER B 16 -12.08 -29.46 25.50
C SER B 16 -11.94 -30.79 26.24
N TYR B 17 -11.88 -30.72 27.57
CA TYR B 17 -11.85 -31.92 28.38
C TYR B 17 -12.39 -31.61 29.76
N ARG B 18 -13.07 -32.60 30.35
CA ARG B 18 -13.70 -32.42 31.65
C ARG B 18 -12.66 -32.59 32.74
N ALA B 19 -12.49 -31.56 33.56
CA ALA B 19 -11.45 -31.61 34.59
C ALA B 19 -11.74 -30.58 35.66
N ASP B 20 -11.23 -30.88 36.86
CA ASP B 20 -11.19 -29.91 37.94
C ASP B 20 -9.87 -29.15 37.87
N VAL B 21 -9.88 -27.91 38.34
CA VAL B 21 -8.68 -27.08 38.33
C VAL B 21 -8.51 -26.48 39.72
N LEU B 22 -7.31 -26.60 40.27
CA LEU B 22 -6.96 -26.07 41.57
C LEU B 22 -5.98 -24.92 41.38
N CYS B 23 -6.25 -23.80 42.04
CA CYS B 23 -5.36 -22.65 42.03
C CYS B 23 -4.88 -22.38 43.45
N ALA B 24 -3.63 -21.97 43.57
CA ALA B 24 -3.09 -21.49 44.83
C ALA B 24 -1.87 -20.64 44.50
N ASN B 25 -1.63 -19.64 45.35
CA ASN B 25 -0.44 -18.80 45.26
C ASN B 25 -0.33 -18.11 43.90
N GLY B 26 -1.47 -17.71 43.35
CA GLY B 26 -1.50 -17.01 42.08
C GLY B 26 -1.33 -17.87 40.84
N LEU B 27 -1.10 -19.18 41.00
CA LEU B 27 -0.77 -20.08 39.91
C LEU B 27 -1.77 -21.22 39.84
N ILE B 28 -1.84 -21.86 38.68
CA ILE B 28 -2.57 -23.12 38.53
C ILE B 28 -1.70 -24.24 39.09
N GLN B 29 -2.21 -24.94 40.11
CA GLN B 29 -1.42 -25.96 40.80
C GLN B 29 -1.65 -27.38 40.29
N ALA B 30 -2.88 -27.75 39.94
CA ALA B 30 -3.17 -29.12 39.52
C ALA B 30 -4.41 -29.10 38.65
N ILE B 31 -4.45 -30.04 37.70
CA ILE B 31 -5.57 -30.22 36.77
C ILE B 31 -5.84 -31.71 36.66
N GLY B 32 -7.09 -32.11 36.83
CA GLY B 32 -7.42 -33.53 36.74
C GLY B 32 -8.82 -33.78 37.26
N GLU B 33 -9.23 -35.04 37.16
CA GLU B 33 -10.50 -35.43 37.76
C GLU B 33 -10.35 -35.73 39.25
N ASN B 34 -11.42 -35.43 39.99
CA ASN B 34 -11.56 -35.67 41.43
C ASN B 34 -10.29 -35.30 42.19
N LEU B 35 -9.89 -34.05 42.05
CA LEU B 35 -8.70 -33.54 42.71
C LEU B 35 -8.87 -33.50 44.22
N GLU B 36 -7.75 -33.69 44.92
CA GLU B 36 -7.75 -33.52 46.36
C GLU B 36 -7.79 -32.04 46.71
N THR B 37 -8.44 -31.74 47.83
CA THR B 37 -8.71 -30.38 48.28
C THR B 37 -7.83 -30.02 49.46
N PRO B 38 -6.95 -29.03 49.37
CA PRO B 38 -6.28 -28.53 50.58
C PRO B 38 -7.29 -28.03 51.59
N SER B 39 -6.89 -28.02 52.86
CA SER B 39 -7.78 -27.61 53.94
C SER B 39 -8.06 -26.11 53.86
N GLY B 40 -9.33 -25.74 54.03
CA GLY B 40 -9.72 -24.35 53.94
C GLY B 40 -9.80 -23.81 52.51
N CYS B 41 -9.47 -24.62 51.51
CA CYS B 41 -9.55 -24.22 50.12
C CYS B 41 -11.00 -23.91 49.75
N ASP B 42 -11.22 -22.76 49.12
CA ASP B 42 -12.55 -22.43 48.66
C ASP B 42 -12.89 -23.26 47.43
N VAL B 43 -14.18 -23.48 47.22
CA VAL B 43 -14.67 -24.36 46.16
C VAL B 43 -15.69 -23.61 45.32
N LEU B 44 -15.54 -23.69 43.99
CA LEU B 44 -16.47 -23.12 43.03
C LEU B 44 -17.01 -24.25 42.16
N ASP B 45 -18.34 -24.33 42.05
CA ASP B 45 -19.01 -25.42 41.35
C ASP B 45 -19.26 -25.03 39.89
N GLY B 46 -18.55 -25.67 38.96
CA GLY B 46 -18.63 -25.28 37.57
C GLY B 46 -19.44 -26.18 36.67
N GLY B 47 -20.26 -27.04 37.25
CA GLY B 47 -21.08 -27.96 36.48
C GLY B 47 -21.89 -27.29 35.38
N GLY B 48 -21.87 -27.87 34.18
CA GLY B 48 -22.56 -27.28 33.04
C GLY B 48 -21.95 -26.00 32.49
N GLN B 49 -20.72 -25.68 32.87
CA GLN B 49 -20.08 -24.44 32.45
C GLN B 49 -18.73 -24.76 31.82
N TYR B 50 -18.17 -23.78 31.13
CA TYR B 50 -16.87 -23.94 30.49
C TYR B 50 -15.86 -23.08 31.21
N LEU B 51 -14.69 -23.66 31.46
CA LEU B 51 -13.60 -22.98 32.16
C LEU B 51 -12.48 -22.68 31.17
N MET B 52 -12.21 -21.41 30.95
CA MET B 52 -11.29 -20.97 29.90
C MET B 52 -10.26 -20.02 30.51
N PRO B 53 -9.17 -19.77 29.80
CA PRO B 53 -8.27 -18.70 30.24
C PRO B 53 -9.01 -17.37 30.26
N GLY B 54 -8.68 -16.55 31.26
CA GLY B 54 -9.21 -15.21 31.30
C GLY B 54 -8.79 -14.41 30.08
N GLY B 55 -9.68 -13.52 29.64
CA GLY B 55 -9.40 -12.74 28.46
C GLY B 55 -8.21 -11.81 28.66
N ILE B 56 -7.48 -11.58 27.57
CA ILE B 56 -6.44 -10.57 27.54
C ILE B 56 -6.84 -9.51 26.53
N ASP B 57 -6.86 -8.26 26.97
CA ASP B 57 -7.21 -7.14 26.12
C ASP B 57 -5.95 -6.30 25.87
N PRO B 58 -5.29 -6.46 24.72
CA PRO B 58 -4.02 -5.77 24.48
C PRO B 58 -4.16 -4.33 23.99
N HIS B 59 -5.34 -3.72 24.12
CA HIS B 59 -5.49 -2.38 23.56
C HIS B 59 -6.47 -1.57 24.42
N THR B 60 -5.96 -0.96 25.48
CA THR B 60 -6.78 -0.13 26.35
C THR B 60 -6.11 1.23 26.54
N HIS B 61 -6.92 2.23 26.91
CA HIS B 61 -6.47 3.61 27.10
C HIS B 61 -7.08 4.17 28.40
N MET B 62 -6.79 3.52 29.53
CA MET B 62 -7.33 3.97 30.80
C MET B 62 -6.83 5.38 31.14
N GLN B 63 -7.74 6.24 31.59
CA GLN B 63 -7.47 7.65 31.94
C GLN B 63 -6.45 8.29 31.00
N LEU B 64 -6.65 8.07 29.71
CA LEU B 64 -5.82 8.69 28.68
C LEU B 64 -6.09 10.18 28.67
N PRO B 65 -5.08 11.04 28.85
CA PRO B 65 -5.27 12.45 28.52
C PRO B 65 -5.20 12.57 27.00
N PHE B 66 -6.27 13.07 26.38
CA PHE B 66 -6.36 12.90 24.93
C PHE B 66 -7.44 13.80 24.38
N MET B 67 -7.16 14.40 23.22
CA MET B 67 -8.04 15.35 22.55
C MET B 67 -8.72 16.27 23.57
N GLY B 68 -7.88 17.02 24.29
CA GLY B 68 -8.28 18.07 25.20
C GLY B 68 -8.39 17.67 26.67
N THR B 69 -8.69 16.42 26.98
CA THR B 69 -9.15 16.04 28.34
C THR B 69 -8.66 14.62 28.69
N VAL B 70 -9.21 14.06 29.78
CA VAL B 70 -8.84 12.75 30.33
C VAL B 70 -10.01 11.79 30.23
N ALA B 71 -9.76 10.58 29.71
CA ALA B 71 -10.81 9.59 29.60
C ALA B 71 -11.45 9.34 30.97
N SER B 72 -12.77 9.14 30.96
CA SER B 72 -13.53 9.01 32.20
C SER B 72 -13.32 7.67 32.88
N GLU B 73 -12.77 6.68 32.19
CA GLU B 73 -12.41 5.41 32.81
C GLU B 73 -10.98 5.50 33.34
N ASP B 74 -10.77 5.16 34.61
CA ASP B 74 -9.41 5.14 35.13
C ASP B 74 -8.93 3.68 35.21
N PHE B 75 -7.66 3.50 35.62
CA PHE B 75 -7.09 2.16 35.62
C PHE B 75 -7.82 1.22 36.55
N PHE B 76 -8.39 1.74 37.64
CA PHE B 76 -9.10 0.86 38.54
C PHE B 76 -10.46 0.46 37.96
N SER B 77 -11.28 1.46 37.62
CA SER B 77 -12.62 1.14 37.15
C SER B 77 -12.59 0.35 35.85
N GLY B 78 -11.55 0.58 35.03
CA GLY B 78 -11.45 -0.14 33.76
C GLY B 78 -11.09 -1.60 33.95
N THR B 79 -10.02 -1.88 34.71
CA THR B 79 -9.66 -3.27 34.96
C THR B 79 -10.76 -3.97 35.72
N ALA B 80 -11.44 -3.26 36.63
CA ALA B 80 -12.57 -3.84 37.36
C ALA B 80 -13.70 -4.19 36.40
N ALA B 81 -14.03 -3.26 35.51
CA ALA B 81 -15.06 -3.54 34.51
C ALA B 81 -14.64 -4.71 33.61
N GLY B 82 -13.35 -4.83 33.31
CA GLY B 82 -12.89 -5.99 32.56
C GLY B 82 -13.15 -7.29 33.28
N LEU B 83 -12.83 -7.34 34.58
CA LEU B 83 -13.07 -8.53 35.38
C LEU B 83 -14.53 -8.98 35.30
N ALA B 84 -15.47 -8.03 35.46
CA ALA B 84 -16.88 -8.36 35.31
C ALA B 84 -17.18 -9.01 33.96
N GLY B 85 -16.45 -8.65 32.92
CA GLY B 85 -16.66 -9.21 31.60
C GLY B 85 -15.79 -10.40 31.23
N GLY B 86 -14.99 -10.93 32.16
CA GLY B 86 -14.17 -12.09 31.90
C GLY B 86 -12.74 -11.78 31.49
N THR B 87 -12.37 -10.51 31.39
CA THR B 87 -11.03 -10.11 31.00
C THR B 87 -10.16 -9.95 32.25
N THR B 88 -9.05 -10.69 32.30
CA THR B 88 -8.22 -10.73 33.48
C THR B 88 -6.92 -9.94 33.37
N SER B 89 -6.53 -9.50 32.18
CA SER B 89 -5.34 -8.67 32.09
C SER B 89 -5.45 -7.78 30.85
N ILE B 90 -4.72 -6.66 30.90
CA ILE B 90 -4.76 -5.66 29.85
C ILE B 90 -3.33 -5.31 29.46
N ILE B 91 -3.18 -4.78 28.25
CA ILE B 91 -1.98 -4.04 27.85
C ILE B 91 -2.44 -2.67 27.38
N ASP B 92 -1.94 -1.63 28.06
CA ASP B 92 -2.30 -0.24 27.84
C ASP B 92 -1.19 0.43 27.04
N PHE B 93 -1.27 1.75 26.87
CA PHE B 93 -0.28 2.48 26.08
C PHE B 93 0.30 3.64 26.89
N VAL B 94 1.62 3.67 27.03
CA VAL B 94 2.30 4.89 27.42
C VAL B 94 2.43 5.77 26.18
N ILE B 95 1.95 7.01 26.26
CA ILE B 95 1.98 7.92 25.10
C ILE B 95 2.71 9.19 25.48
N PRO B 96 4.02 9.26 25.30
CA PRO B 96 4.75 10.51 25.58
C PRO B 96 4.25 11.63 24.67
N ASN B 97 4.19 12.84 25.22
CA ASN B 97 4.05 13.99 24.33
C ASN B 97 5.27 14.04 23.40
N PRO B 98 5.14 14.68 22.24
CA PRO B 98 6.32 14.95 21.41
C PRO B 98 7.37 15.68 22.23
N ARG B 99 8.63 15.26 22.07
CA ARG B 99 9.80 15.84 22.78
C ARG B 99 9.86 15.39 24.25
N GLN B 100 8.90 14.62 24.72
CA GLN B 100 8.93 14.22 26.12
C GLN B 100 9.63 12.87 26.25
N SER B 101 10.44 12.73 27.31
CA SER B 101 11.14 11.50 27.58
C SER B 101 10.17 10.33 27.73
N LEU B 102 10.50 9.20 27.07
CA LEU B 102 9.70 7.99 27.17
C LEU B 102 9.73 7.42 28.59
N LEU B 103 10.90 7.42 29.23
CA LEU B 103 10.99 6.92 30.60
C LEU B 103 10.18 7.78 31.55
N GLU B 104 10.21 9.10 31.35
CA GLU B 104 9.40 9.98 32.18
C GLU B 104 7.91 9.71 32.01
N ALA B 105 7.45 9.52 30.76
CA ALA B 105 6.05 9.20 30.54
C ALA B 105 5.72 7.82 31.11
N PHE B 106 6.65 6.87 30.96
CA PHE B 106 6.47 5.53 31.51
C PHE B 106 6.25 5.56 33.03
N HIS B 107 7.07 6.32 33.74
CA HIS B 107 6.93 6.37 35.19
C HIS B 107 5.64 7.04 35.60
N THR B 108 5.25 8.11 34.90
CA THR B 108 3.94 8.71 35.12
C THR B 108 2.83 7.68 34.95
N TRP B 109 2.87 6.93 33.84
CA TRP B 109 1.84 5.93 33.58
C TRP B 109 1.90 4.78 34.59
N ARG B 110 3.10 4.41 35.06
CA ARG B 110 3.17 3.38 36.10
C ARG B 110 2.41 3.82 37.35
N GLY B 111 2.59 5.08 37.77
CA GLY B 111 1.84 5.57 38.91
C GLY B 111 0.34 5.48 38.70
N TRP B 112 -0.13 5.87 37.51
CA TRP B 112 -1.57 5.83 37.22
C TRP B 112 -2.08 4.40 37.29
N ALA B 113 -1.32 3.44 36.76
CA ALA B 113 -1.80 2.06 36.70
C ALA B 113 -1.67 1.32 38.03
N GLN B 114 -1.04 1.93 39.03
CA GLN B 114 -0.83 1.24 40.29
C GLN B 114 -2.16 0.81 40.93
N LYS B 115 -3.24 1.55 40.68
CA LYS B 115 -4.56 1.24 41.25
C LYS B 115 -5.30 0.15 40.50
N SER B 116 -4.71 -0.41 39.43
CA SER B 116 -5.36 -1.48 38.68
C SER B 116 -5.76 -2.62 39.61
N ALA B 117 -6.91 -3.22 39.31
CA ALA B 117 -7.45 -4.35 40.06
C ALA B 117 -7.00 -5.71 39.54
N ALA B 118 -6.35 -5.75 38.38
CA ALA B 118 -5.90 -6.99 37.74
C ALA B 118 -4.57 -6.70 37.04
N ASP B 119 -3.91 -7.77 36.58
CA ASP B 119 -2.59 -7.63 35.95
C ASP B 119 -2.65 -6.72 34.71
N TYR B 120 -1.57 -5.98 34.48
CA TYR B 120 -1.52 -4.99 33.41
C TYR B 120 -0.10 -4.85 32.89
N GLY B 121 0.01 -4.36 31.66
CA GLY B 121 1.28 -4.08 31.05
C GLY B 121 1.14 -2.89 30.13
N PHE B 122 2.26 -2.49 29.53
CA PHE B 122 2.29 -1.31 28.68
C PHE B 122 2.99 -1.62 27.37
N HIS B 123 2.39 -1.13 26.28
CA HIS B 123 3.12 -0.76 25.07
C HIS B 123 3.60 0.66 25.29
N VAL B 124 4.70 1.02 24.65
CA VAL B 124 5.20 2.39 24.70
C VAL B 124 5.15 2.96 23.28
N ALA B 125 4.53 4.13 23.15
CA ALA B 125 4.32 4.74 21.84
C ALA B 125 5.50 5.60 21.46
N ILE B 126 5.87 5.54 20.18
CA ILE B 126 6.97 6.32 19.63
C ILE B 126 6.37 7.55 18.94
N THR B 127 6.11 8.59 19.72
CA THR B 127 5.42 9.80 19.28
C THR B 127 6.38 10.86 18.74
N TRP B 128 7.68 10.61 18.73
CA TRP B 128 8.67 11.49 18.13
C TRP B 128 9.95 10.67 18.03
N TRP B 129 10.93 11.19 17.29
CA TRP B 129 12.16 10.43 17.07
C TRP B 129 13.39 11.31 17.30
N SER B 130 14.41 10.70 17.91
CA SER B 130 15.75 11.27 18.08
C SER B 130 16.65 10.13 18.52
N ASP B 131 17.96 10.41 18.63
CA ASP B 131 18.87 9.39 19.16
C ASP B 131 18.52 9.00 20.58
N GLU B 132 18.02 9.94 21.40
CA GLU B 132 17.73 9.61 22.79
C GLU B 132 16.49 8.73 22.88
N VAL B 133 15.51 8.92 22.00
CA VAL B 133 14.35 8.02 21.95
C VAL B 133 14.83 6.57 21.79
N ALA B 134 15.75 6.32 20.84
CA ALA B 134 16.17 4.96 20.54
C ALA B 134 16.85 4.30 21.74
N ARG B 135 17.61 5.12 22.46
CA ARG B 135 18.27 4.69 23.72
C ARG B 135 17.20 4.44 24.80
N GLU B 136 16.21 5.30 24.96
CA GLU B 136 15.17 5.08 25.96
C GLU B 136 14.40 3.80 25.65
N MET B 137 14.22 3.47 24.36
CA MET B 137 13.65 2.19 23.97
C MET B 137 14.47 1.04 24.55
N GLY B 138 15.80 1.20 24.55
CA GLY B 138 16.64 0.15 25.09
C GLY B 138 16.44 -0.07 26.59
N GLU B 139 16.37 1.01 27.38
CA GLU B 139 16.06 0.81 28.79
C GLU B 139 14.67 0.21 29.00
N LEU B 140 13.66 0.66 28.24
CA LEU B 140 12.32 0.12 28.46
C LEU B 140 12.31 -1.40 28.29
N VAL B 141 13.03 -1.92 27.29
CA VAL B 141 13.07 -3.37 27.08
C VAL B 141 13.91 -4.07 28.16
N ALA B 142 15.12 -3.55 28.42
CA ALA B 142 16.05 -4.25 29.31
C ALA B 142 15.65 -4.16 30.78
N GLN B 143 15.05 -3.05 31.21
CA GLN B 143 14.88 -2.77 32.63
C GLN B 143 13.43 -2.73 33.07
N HIS B 144 12.49 -2.47 32.16
CA HIS B 144 11.11 -2.20 32.57
C HIS B 144 10.09 -3.14 31.93
N GLY B 145 10.53 -4.24 31.33
CA GLY B 145 9.61 -5.27 30.88
C GLY B 145 8.74 -4.93 29.69
N VAL B 146 9.14 -3.96 28.86
CA VAL B 146 8.40 -3.64 27.64
C VAL B 146 9.01 -4.39 26.47
N ASN B 147 8.17 -5.02 25.64
CA ASN B 147 8.68 -5.68 24.44
C ASN B 147 7.93 -5.29 23.17
N SER B 148 7.17 -4.20 23.19
CA SER B 148 6.44 -3.77 22.00
C SER B 148 6.28 -2.25 21.98
N PHE B 149 6.40 -1.68 20.80
CA PHE B 149 6.39 -0.24 20.62
C PHE B 149 5.35 0.15 19.58
N LYS B 150 4.54 1.15 19.93
CA LYS B 150 3.38 1.54 19.13
C LYS B 150 3.71 2.76 18.29
N HIS B 151 3.27 2.74 17.04
CA HIS B 151 3.52 3.82 16.09
C HIS B 151 2.17 4.26 15.54
N PHE B 152 1.91 5.55 15.56
CA PHE B 152 0.69 6.14 15.01
C PHE B 152 1.03 6.73 13.65
N MET B 153 0.37 6.24 12.60
CA MET B 153 0.58 6.79 11.26
C MET B 153 -0.37 7.94 10.93
N ALA B 154 -1.36 8.19 11.76
CA ALA B 154 -2.25 9.33 11.62
C ALA B 154 -1.78 10.42 12.58
N TYR B 155 -2.64 11.41 12.82
CA TYR B 155 -2.38 12.53 13.74
C TYR B 155 -1.21 13.38 13.25
N LYS B 156 -1.33 13.83 12.00
CA LYS B 156 -0.37 14.77 11.43
C LYS B 156 -0.27 16.01 12.32
N ASN B 157 0.93 16.57 12.42
CA ASN B 157 1.24 17.72 13.27
C ASN B 157 1.09 17.40 14.75
N ALA B 158 0.92 16.12 15.12
CA ALA B 158 0.93 15.72 16.52
C ALA B 158 1.95 14.62 16.74
N ILE B 159 1.52 13.35 16.68
CA ILE B 159 2.39 12.24 17.03
C ILE B 159 2.67 11.34 15.83
N MET B 160 2.32 11.78 14.63
CA MET B 160 2.48 10.95 13.44
C MET B 160 3.93 10.57 13.21
N ALA B 161 4.15 9.29 12.95
CA ALA B 161 5.45 8.79 12.58
C ALA B 161 5.48 8.65 11.07
N ALA B 162 6.25 9.50 10.39
CA ALA B 162 6.47 9.39 8.95
C ALA B 162 7.42 8.23 8.66
N ASP B 163 7.69 8.02 7.36
CA ASP B 163 8.48 6.87 6.91
C ASP B 163 9.85 6.81 7.59
N ASP B 164 10.50 7.97 7.77
CA ASP B 164 11.85 7.94 8.34
C ASP B 164 11.82 7.52 9.81
N THR B 165 10.80 7.95 10.56
CA THR B 165 10.69 7.48 11.94
C THR B 165 10.35 6.00 12.00
N LEU B 166 9.38 5.57 11.17
CA LEU B 166 9.02 4.16 11.12
C LEU B 166 10.23 3.30 10.77
N VAL B 167 11.01 3.72 9.76
CA VAL B 167 12.19 2.95 9.39
C VAL B 167 13.17 2.88 10.55
N ALA B 168 13.51 4.04 11.13
CA ALA B 168 14.50 4.07 12.19
C ALA B 168 14.00 3.31 13.43
N SER B 169 12.71 3.47 13.76
CA SER B 169 12.17 2.81 14.94
C SER B 169 12.03 1.30 14.74
N PHE B 170 11.58 0.85 13.56
CA PHE B 170 11.49 -0.59 13.30
C PHE B 170 12.88 -1.23 13.39
N GLU B 171 13.89 -0.58 12.82
CA GLU B 171 15.26 -1.09 12.95
C GLU B 171 15.65 -1.20 14.42
N ARG B 172 15.26 -0.21 15.23
CA ARG B 172 15.54 -0.31 16.65
C ARG B 172 14.81 -1.49 17.27
N CYS B 173 13.54 -1.69 16.91
CA CYS B 173 12.80 -2.83 17.45
C CYS B 173 13.51 -4.14 17.12
N LEU B 174 14.04 -4.26 15.91
CA LEU B 174 14.76 -5.45 15.50
C LEU B 174 15.96 -5.71 16.39
N GLU B 175 16.76 -4.66 16.63
CA GLU B 175 17.94 -4.77 17.50
C GLU B 175 17.55 -5.19 18.92
N LEU B 176 16.38 -4.81 19.39
CA LEU B 176 15.98 -5.09 20.77
C LEU B 176 15.11 -6.34 20.89
N GLY B 177 14.77 -6.99 19.79
CA GLY B 177 13.84 -8.10 19.84
C GLY B 177 12.43 -7.71 20.24
N ALA B 178 12.00 -6.50 19.91
CA ALA B 178 10.67 -6.00 20.28
C ALA B 178 9.72 -6.05 19.10
N VAL B 179 8.42 -6.10 19.40
CA VAL B 179 7.38 -6.22 18.37
C VAL B 179 6.93 -4.80 17.99
N PRO B 180 7.08 -4.38 16.73
CA PRO B 180 6.48 -3.11 16.32
C PRO B 180 4.98 -3.26 16.15
N THR B 181 4.24 -2.27 16.67
CA THR B 181 2.79 -2.22 16.47
C THR B 181 2.42 -0.86 15.88
N VAL B 182 1.33 -0.83 15.11
CA VAL B 182 1.00 0.32 14.27
C VAL B 182 -0.50 0.60 14.31
N HIS B 183 -0.86 1.87 14.52
CA HIS B 183 -2.19 2.40 14.19
C HIS B 183 -2.16 2.87 12.74
N ALA B 184 -2.78 2.10 11.85
CA ALA B 184 -2.58 2.24 10.41
C ALA B 184 -3.71 3.06 9.76
N GLU B 185 -3.49 4.37 9.66
CA GLU B 185 -4.30 5.29 8.87
C GLU B 185 -3.37 6.32 8.26
N ASN B 186 -3.55 6.65 6.99
CA ASN B 186 -2.65 7.62 6.37
C ASN B 186 -2.96 9.01 6.91
N GLY B 187 -2.02 9.57 7.68
CA GLY B 187 -2.28 10.83 8.38
C GLY B 187 -2.45 12.01 7.46
N GLU B 188 -1.71 12.03 6.35
CA GLU B 188 -1.82 13.12 5.38
C GLU B 188 -3.21 13.11 4.74
N LEU B 189 -3.70 11.94 4.33
CA LEU B 189 -5.03 11.87 3.74
C LEU B 189 -6.11 12.25 4.75
N VAL B 190 -5.98 11.79 6.00
CA VAL B 190 -6.95 12.16 7.03
C VAL B 190 -7.00 13.67 7.21
N PHE B 191 -5.84 14.30 7.37
CA PHE B 191 -5.79 15.76 7.50
C PHE B 191 -6.44 16.48 6.31
N HIS B 192 -6.14 16.03 5.09
CA HIS B 192 -6.72 16.65 3.90
C HIS B 192 -8.24 16.53 3.89
N LEU B 193 -8.76 15.34 4.18
CA LEU B 193 -10.21 15.14 4.12
C LEU B 193 -10.93 15.90 5.23
N GLN B 194 -10.35 15.93 6.44
CA GLN B 194 -10.96 16.71 7.51
C GLN B 194 -11.16 18.15 7.09
N GLN B 195 -10.13 18.79 6.51
CA GLN B 195 -10.28 20.19 6.13
C GLN B 195 -11.21 20.37 4.93
N LYS B 196 -11.18 19.43 3.98
CA LYS B 196 -12.13 19.48 2.87
C LYS B 196 -13.58 19.40 3.38
N LEU B 197 -13.84 18.50 4.33
CA LEU B 197 -15.21 18.31 4.80
C LEU B 197 -15.66 19.49 5.68
N LEU B 198 -14.76 20.02 6.50
CA LEU B 198 -15.12 21.18 7.30
C LEU B 198 -15.41 22.38 6.39
N ALA B 199 -14.60 22.58 5.34
CA ALA B 199 -14.83 23.71 4.45
C ALA B 199 -16.14 23.58 3.69
N GLN B 200 -16.66 22.37 3.52
CA GLN B 200 -17.97 22.15 2.92
C GLN B 200 -19.10 22.33 3.93
N GLY B 201 -18.81 22.56 5.20
CA GLY B 201 -19.84 22.67 6.21
C GLY B 201 -20.25 21.35 6.84
N LEU B 202 -19.55 20.26 6.53
CA LEU B 202 -19.87 18.97 7.13
C LEU B 202 -19.10 18.88 8.43
N THR B 203 -19.73 19.39 9.50
CA THR B 203 -19.12 19.45 10.82
C THR B 203 -19.58 18.34 11.76
N GLY B 204 -20.67 17.65 11.43
CA GLY B 204 -21.27 16.69 12.33
C GLY B 204 -20.52 15.37 12.32
N PRO B 205 -20.90 14.49 13.25
CA PRO B 205 -20.23 13.18 13.33
C PRO B 205 -20.36 12.35 12.05
N GLU B 206 -21.39 12.57 11.25
CA GLU B 206 -21.51 11.81 10.00
C GLU B 206 -20.32 12.04 9.06
N ALA B 207 -19.60 13.15 9.22
CA ALA B 207 -18.39 13.42 8.44
C ALA B 207 -17.15 12.69 8.96
N HIS B 208 -17.18 12.17 10.18
CA HIS B 208 -16.04 11.43 10.72
C HIS B 208 -15.71 10.18 9.90
N PRO B 209 -16.66 9.29 9.57
CA PRO B 209 -16.28 8.16 8.68
C PRO B 209 -15.79 8.63 7.30
N LEU B 210 -16.38 9.69 6.76
CA LEU B 210 -15.97 10.19 5.45
C LEU B 210 -14.56 10.78 5.46
N SER B 211 -14.09 11.23 6.63
CA SER B 211 -12.76 11.85 6.73
C SER B 211 -11.63 10.83 6.79
N ARG B 212 -11.92 9.54 6.98
CA ARG B 212 -10.88 8.50 6.99
C ARG B 212 -11.47 7.23 6.42
N PRO B 213 -11.73 7.21 5.11
CA PRO B 213 -12.37 6.07 4.48
C PRO B 213 -11.44 4.87 4.43
N PRO B 214 -11.96 3.68 4.10
CA PRO B 214 -11.19 2.44 4.29
C PRO B 214 -9.84 2.40 3.57
N GLN B 215 -9.71 3.04 2.40
CA GLN B 215 -8.44 2.99 1.68
C GLN B 215 -7.34 3.78 2.40
N VAL B 216 -7.71 4.67 3.31
CA VAL B 216 -6.73 5.37 4.15
C VAL B 216 -6.10 4.38 5.13
N GLU B 217 -6.89 3.42 5.60
CA GLU B 217 -6.35 2.36 6.45
C GLU B 217 -5.58 1.33 5.62
N GLY B 218 -6.14 0.91 4.47
CA GLY B 218 -5.43 -0.05 3.64
C GLY B 218 -4.05 0.44 3.19
N GLU B 219 -3.96 1.73 2.84
CA GLU B 219 -2.66 2.30 2.43
C GLU B 219 -1.64 2.19 3.56
N ALA B 220 -2.01 2.66 4.75
CA ALA B 220 -1.08 2.67 5.87
C ALA B 220 -0.70 1.25 6.28
N ALA B 221 -1.65 0.31 6.19
CA ALA B 221 -1.34 -1.08 6.46
C ALA B 221 -0.29 -1.60 5.47
N SER B 222 -0.54 -1.40 4.16
CA SER B 222 0.44 -1.78 3.15
C SER B 222 1.82 -1.18 3.44
N ARG B 223 1.87 0.10 3.84
CA ARG B 223 3.16 0.77 4.04
C ARG B 223 3.89 0.23 5.27
N ALA B 224 3.19 0.11 6.40
CA ALA B 224 3.86 -0.46 7.58
C ALA B 224 4.28 -1.91 7.33
N ILE B 225 3.44 -2.68 6.62
CA ILE B 225 3.76 -4.07 6.33
C ILE B 225 5.02 -4.17 5.47
N ARG B 226 5.15 -3.30 4.47
CA ARG B 226 6.29 -3.41 3.59
C ARG B 226 7.56 -2.76 4.17
N ILE B 227 7.42 -1.77 5.04
CA ILE B 227 8.59 -1.35 5.82
C ILE B 227 9.05 -2.49 6.73
N ALA B 228 8.11 -3.18 7.38
CA ALA B 228 8.48 -4.30 8.24
C ALA B 228 9.14 -5.42 7.46
N GLU B 229 8.64 -5.72 6.26
CA GLU B 229 9.31 -6.74 5.43
C GLU B 229 10.75 -6.35 5.10
N THR B 230 10.97 -5.09 4.71
CA THR B 230 12.31 -4.65 4.30
C THR B 230 13.28 -4.69 5.47
N LEU B 231 12.84 -4.27 6.66
CA LEU B 231 13.69 -4.24 7.84
C LEU B 231 13.81 -5.60 8.53
N GLY B 232 12.91 -6.53 8.22
CA GLY B 232 13.00 -7.85 8.82
C GLY B 232 12.42 -7.95 10.21
N THR B 233 11.34 -7.25 10.47
CA THR B 233 10.69 -7.30 11.78
C THR B 233 9.32 -7.93 11.63
N PRO B 234 8.76 -8.47 12.72
CA PRO B 234 7.33 -8.79 12.70
C PRO B 234 6.54 -7.49 12.76
N LEU B 235 5.21 -7.57 12.71
CA LEU B 235 4.40 -6.35 12.73
C LEU B 235 3.01 -6.70 13.25
N TYR B 236 2.56 -5.93 14.25
CA TYR B 236 1.23 -6.05 14.82
C TYR B 236 0.40 -4.84 14.41
N LEU B 237 -0.68 -5.06 13.68
CA LEU B 237 -1.56 -3.96 13.30
C LEU B 237 -2.74 -3.92 14.25
N VAL B 238 -2.87 -2.80 14.99
CA VAL B 238 -3.94 -2.65 15.95
C VAL B 238 -5.28 -2.42 15.23
N HIS B 239 -6.36 -2.71 15.96
CA HIS B 239 -7.76 -2.65 15.52
C HIS B 239 -7.96 -2.38 14.03
N ILE B 240 -7.85 -3.45 13.23
CA ILE B 240 -8.16 -3.44 11.80
C ILE B 240 -9.67 -3.37 11.58
N SER B 241 -10.08 -2.51 10.65
CA SER B 241 -11.50 -2.32 10.42
C SER B 241 -11.95 -2.58 8.98
N SER B 242 -11.02 -2.67 8.03
CA SER B 242 -11.34 -2.59 6.62
C SER B 242 -10.94 -3.87 5.88
N ARG B 243 -11.70 -4.19 4.83
CA ARG B 243 -11.31 -5.24 3.91
C ARG B 243 -9.93 -4.95 3.32
N GLU B 244 -9.69 -3.68 2.93
CA GLU B 244 -8.40 -3.25 2.38
C GLU B 244 -7.24 -3.66 3.28
N ALA B 245 -7.28 -3.25 4.55
CA ALA B 245 -6.18 -3.60 5.46
C ALA B 245 -6.06 -5.11 5.66
N LEU B 246 -7.19 -5.79 5.82
CA LEU B 246 -7.13 -7.23 6.00
C LEU B 246 -6.49 -7.92 4.80
N ASP B 247 -6.88 -7.50 3.58
CA ASP B 247 -6.29 -8.11 2.39
C ASP B 247 -4.79 -7.84 2.29
N GLU B 248 -4.32 -6.69 2.79
CA GLU B 248 -2.87 -6.47 2.84
C GLU B 248 -2.19 -7.42 3.84
N ILE B 249 -2.82 -7.66 4.99
CA ILE B 249 -2.26 -8.61 5.94
C ILE B 249 -2.20 -10.02 5.33
N ALA B 250 -3.30 -10.47 4.74
CA ALA B 250 -3.32 -11.82 4.16
C ALA B 250 -2.28 -11.95 3.04
N TYR B 251 -2.11 -10.88 2.24
CA TYR B 251 -1.11 -10.89 1.19
C TYR B 251 0.29 -11.08 1.77
N ALA B 252 0.61 -10.36 2.83
CA ALA B 252 1.93 -10.49 3.44
C ALA B 252 2.14 -11.88 4.06
N ARG B 253 1.11 -12.40 4.74
CA ARG B 253 1.24 -13.70 5.40
C ARG B 253 1.44 -14.82 4.39
N ALA B 254 0.81 -14.72 3.22
CA ALA B 254 1.04 -15.71 2.17
C ALA B 254 2.50 -15.69 1.72
N LYS B 255 3.12 -14.52 1.71
CA LYS B 255 4.53 -14.43 1.36
C LYS B 255 5.45 -14.85 2.50
N GLY B 256 4.91 -15.45 3.57
CA GLY B 256 5.71 -15.84 4.71
C GLY B 256 6.05 -14.72 5.68
N GLN B 257 5.39 -13.57 5.59
CA GLN B 257 5.75 -12.50 6.50
C GLN B 257 4.94 -12.61 7.80
N PRO B 258 5.60 -12.44 8.95
CA PRO B 258 4.89 -12.49 10.23
C PRO B 258 4.15 -11.18 10.54
N VAL B 259 2.90 -11.10 10.08
CA VAL B 259 2.05 -9.94 10.29
C VAL B 259 0.83 -10.41 11.07
N TYR B 260 0.49 -9.68 12.13
CA TYR B 260 -0.67 -10.02 12.96
C TYR B 260 -1.69 -8.90 12.89
N GLY B 261 -2.97 -9.26 12.91
CA GLY B 261 -4.05 -8.28 12.91
C GLY B 261 -4.89 -8.40 14.16
N GLU B 262 -5.21 -7.26 14.74
CA GLU B 262 -6.07 -7.12 15.92
C GLU B 262 -7.40 -6.54 15.44
N VAL B 263 -8.49 -6.97 16.08
CA VAL B 263 -9.83 -6.51 15.69
C VAL B 263 -10.68 -6.25 16.94
N LEU B 264 -11.60 -5.28 16.84
CA LEU B 264 -12.56 -4.98 17.91
C LEU B 264 -13.92 -5.57 17.59
N ALA B 265 -14.69 -5.89 18.63
CA ALA B 265 -16.04 -6.41 18.40
C ALA B 265 -16.88 -5.38 17.67
N GLY B 266 -16.71 -4.10 17.99
CA GLY B 266 -17.43 -3.06 17.28
C GLY B 266 -17.26 -3.14 15.77
N HIS B 267 -16.03 -3.39 15.29
CA HIS B 267 -15.84 -3.47 13.85
C HIS B 267 -16.30 -4.78 13.26
N LEU B 268 -16.59 -5.79 14.09
CA LEU B 268 -17.20 -7.02 13.59
C LEU B 268 -18.71 -6.89 13.45
N LEU B 269 -19.32 -5.98 14.21
CA LEU B 269 -20.76 -6.03 14.45
C LEU B 269 -21.50 -4.75 14.12
N LEU B 270 -20.83 -3.61 13.99
CA LEU B 270 -21.47 -2.33 13.71
C LEU B 270 -21.08 -1.82 12.33
N ASP B 271 -21.98 -1.08 11.71
CA ASP B 271 -21.67 -0.44 10.43
C ASP B 271 -21.74 1.08 10.60
N ASP B 272 -21.31 1.80 9.56
CA ASP B 272 -21.14 3.25 9.66
C ASP B 272 -22.46 4.03 9.67
N SER B 273 -23.62 3.37 9.52
CA SER B 273 -24.88 4.10 9.67
C SER B 273 -25.06 4.67 11.08
N VAL B 274 -24.31 4.16 12.06
CA VAL B 274 -24.43 4.71 13.42
C VAL B 274 -24.08 6.20 13.44
N TYR B 275 -23.23 6.64 12.51
CA TYR B 275 -22.83 8.05 12.49
C TYR B 275 -23.89 8.98 11.91
N ARG B 276 -24.98 8.45 11.36
CA ARG B 276 -26.05 9.25 10.77
C ARG B 276 -27.24 9.38 11.71
N HIS B 277 -27.07 9.06 12.98
CA HIS B 277 -28.16 9.17 13.92
C HIS B 277 -28.60 10.61 14.12
N PRO B 278 -29.90 10.89 14.16
CA PRO B 278 -30.36 12.28 14.28
C PRO B 278 -29.95 12.96 15.57
N ASP B 279 -29.76 12.20 16.64
CA ASP B 279 -29.35 12.75 17.91
C ASP B 279 -27.83 12.89 17.94
N TRP B 280 -27.34 14.12 18.11
CA TRP B 280 -25.91 14.37 18.00
C TRP B 280 -25.11 13.53 18.99
N ALA B 281 -25.58 13.43 20.24
CA ALA B 281 -24.80 12.75 21.27
C ALA B 281 -24.71 11.26 21.00
N THR B 282 -25.78 10.68 20.45
CA THR B 282 -25.75 9.27 20.06
C THR B 282 -24.71 9.02 18.96
N ALA B 283 -24.77 9.81 17.89
CA ALA B 283 -23.79 9.67 16.80
C ALA B 283 -22.37 9.89 17.31
N ALA B 284 -22.16 10.88 18.17
CA ALA B 284 -20.82 11.15 18.67
C ALA B 284 -20.30 10.02 19.55
N GLY B 285 -21.20 9.30 20.23
CA GLY B 285 -20.80 8.16 21.03
C GLY B 285 -20.02 7.11 20.26
N TYR B 286 -20.27 6.99 18.95
CA TYR B 286 -19.57 6.00 18.14
C TYR B 286 -18.26 6.51 17.55
N VAL B 287 -17.89 7.77 17.79
CA VAL B 287 -16.74 8.34 17.09
C VAL B 287 -15.45 7.75 17.66
N MET B 288 -14.72 6.99 16.83
CA MET B 288 -13.41 6.43 17.19
C MET B 288 -12.64 6.22 15.88
N SER B 289 -11.33 6.02 15.99
CA SER B 289 -10.49 5.79 14.82
C SER B 289 -9.75 4.47 14.93
N PRO B 290 -9.87 3.57 13.92
CA PRO B 290 -10.67 3.81 12.70
C PRO B 290 -12.18 3.77 12.98
N PRO B 291 -12.97 4.47 12.18
CA PRO B 291 -14.43 4.49 12.40
C PRO B 291 -15.08 3.19 11.95
N PHE B 292 -16.33 3.02 12.36
CA PHE B 292 -17.12 1.89 11.89
C PHE B 292 -17.42 2.06 10.40
N ARG B 293 -17.60 0.93 9.70
CA ARG B 293 -17.47 0.84 8.25
C ARG B 293 -18.75 0.35 7.59
N PRO B 294 -18.90 0.55 6.27
CA PRO B 294 -20.02 -0.08 5.55
C PRO B 294 -19.99 -1.59 5.72
N VAL B 295 -21.17 -2.22 5.53
CA VAL B 295 -21.39 -3.60 5.94
C VAL B 295 -20.42 -4.57 5.27
N GLU B 296 -19.98 -4.28 4.04
CA GLU B 296 -19.04 -5.18 3.36
C GLU B 296 -17.85 -5.52 4.26
N HIS B 297 -17.41 -4.56 5.07
CA HIS B 297 -16.19 -4.75 5.83
C HIS B 297 -16.38 -5.70 7.02
N GLN B 298 -17.57 -5.73 7.64
CA GLN B 298 -17.79 -6.64 8.77
C GLN B 298 -17.67 -8.08 8.31
N GLU B 299 -18.27 -8.40 7.16
CA GLU B 299 -18.17 -9.76 6.63
C GLU B 299 -16.72 -10.11 6.31
N ALA B 300 -15.97 -9.16 5.75
CA ALA B 300 -14.56 -9.42 5.45
C ALA B 300 -13.78 -9.72 6.73
N LEU B 301 -14.05 -8.99 7.82
CA LEU B 301 -13.32 -9.22 9.06
C LEU B 301 -13.63 -10.60 9.65
N TRP B 302 -14.89 -11.02 9.59
CA TRP B 302 -15.22 -12.38 10.01
C TRP B 302 -14.46 -13.41 9.16
N ARG B 303 -14.30 -13.13 7.85
CA ARG B 303 -13.52 -14.05 7.02
C ARG B 303 -12.06 -14.09 7.44
N GLY B 304 -11.49 -12.94 7.85
CA GLY B 304 -10.13 -12.93 8.35
C GLY B 304 -9.98 -13.74 9.63
N LEU B 305 -10.96 -13.66 10.53
CA LEU B 305 -10.93 -14.48 11.73
C LEU B 305 -10.96 -15.97 11.37
N GLN B 306 -11.88 -16.37 10.50
CA GLN B 306 -12.00 -17.79 10.17
C GLN B 306 -10.81 -18.30 9.37
N SER B 307 -10.18 -17.44 8.56
CA SER B 307 -9.06 -17.93 7.75
C SER B 307 -7.73 -17.81 8.46
N GLY B 308 -7.70 -17.20 9.65
CA GLY B 308 -6.46 -17.03 10.37
C GLY B 308 -5.62 -15.86 9.92
N ASN B 309 -6.23 -14.82 9.33
CA ASN B 309 -5.48 -13.63 8.96
C ASN B 309 -5.71 -12.47 9.92
N LEU B 310 -6.63 -12.63 10.87
CA LEU B 310 -6.77 -11.79 12.05
C LEU B 310 -6.56 -12.69 13.26
N HIS B 311 -5.89 -12.18 14.29
CA HIS B 311 -5.36 -13.04 15.32
C HIS B 311 -5.80 -12.74 16.73
N THR B 312 -6.13 -11.49 17.05
CA THR B 312 -6.42 -11.13 18.43
C THR B 312 -7.64 -10.25 18.45
N THR B 313 -8.36 -10.26 19.57
CA THR B 313 -9.41 -9.28 19.80
C THR B 313 -9.01 -8.34 20.93
N ALA B 314 -9.49 -7.11 20.85
CA ALA B 314 -9.20 -6.07 21.82
C ALA B 314 -10.39 -5.13 21.82
N THR B 315 -10.30 -4.01 22.54
CA THR B 315 -11.43 -3.10 22.65
C THR B 315 -11.14 -1.63 22.36
N ASP B 316 -9.87 -1.21 22.31
CA ASP B 316 -9.56 0.22 22.21
C ASP B 316 -10.28 1.00 23.29
N HIS B 317 -10.28 0.47 24.51
CA HIS B 317 -11.09 0.98 25.60
C HIS B 317 -10.69 2.40 25.98
N CYS B 318 -11.48 3.40 25.59
CA CYS B 318 -11.07 4.81 25.57
C CYS B 318 -12.35 5.63 25.79
N CYS B 319 -12.71 5.83 27.05
CA CYS B 319 -14.05 6.27 27.40
C CYS B 319 -14.12 7.78 27.52
N PHE B 320 -15.11 8.38 26.87
CA PHE B 320 -15.44 9.79 27.03
C PHE B 320 -16.94 9.93 27.15
N CYS B 321 -17.38 10.69 28.15
CA CYS B 321 -18.81 10.90 28.39
C CYS B 321 -19.33 12.03 27.50
N ALA B 322 -20.65 12.23 27.55
CA ALA B 322 -21.33 13.15 26.63
C ALA B 322 -20.67 14.53 26.63
N GLU B 323 -20.55 15.16 27.80
CA GLU B 323 -19.88 16.46 27.92
C GLU B 323 -18.51 16.47 27.25
N GLN B 324 -17.74 15.39 27.40
CA GLN B 324 -16.43 15.33 26.76
C GLN B 324 -16.55 15.20 25.24
N LYS B 325 -17.40 14.28 24.76
CA LYS B 325 -17.65 14.19 23.33
C LYS B 325 -18.06 15.54 22.74
N ALA B 326 -18.89 16.29 23.47
CA ALA B 326 -19.45 17.55 22.96
C ALA B 326 -18.43 18.66 22.78
N MET B 327 -17.17 18.45 23.19
CA MET B 327 -16.09 19.35 22.78
C MET B 327 -15.99 19.49 21.27
N GLY B 328 -16.50 18.52 20.50
CA GLY B 328 -16.51 18.62 19.06
C GLY B 328 -17.90 18.85 18.51
N ARG B 329 -18.77 19.47 19.31
CA ARG B 329 -20.14 19.75 18.88
C ARG B 329 -20.20 20.55 17.59
N ASP B 330 -19.26 21.46 17.37
CA ASP B 330 -19.23 22.25 16.15
C ASP B 330 -18.20 21.75 15.14
N ASP B 331 -17.47 20.68 15.46
CA ASP B 331 -16.31 20.28 14.65
C ASP B 331 -16.02 18.82 15.00
N PHE B 332 -16.43 17.90 14.12
CA PHE B 332 -16.28 16.48 14.39
C PHE B 332 -14.83 16.10 14.68
N SER B 333 -13.87 16.81 14.06
CA SER B 333 -12.46 16.49 14.26
C SER B 333 -11.97 16.77 15.67
N LYS B 334 -12.78 17.44 16.49
CA LYS B 334 -12.44 17.74 17.88
C LYS B 334 -13.20 16.85 18.86
N ILE B 335 -14.02 15.93 18.37
CA ILE B 335 -14.67 14.95 19.25
C ILE B 335 -13.59 14.02 19.75
N PRO B 336 -13.36 13.90 21.07
CA PRO B 336 -12.40 12.89 21.55
C PRO B 336 -12.80 11.50 21.08
N ASN B 337 -11.86 10.83 20.41
CA ASN B 337 -12.12 9.54 19.79
C ASN B 337 -12.01 8.42 20.80
N GLY B 338 -12.96 7.51 20.78
CA GLY B 338 -12.89 6.31 21.58
C GLY B 338 -14.26 5.84 22.01
N THR B 339 -14.38 4.53 22.21
CA THR B 339 -15.57 3.89 22.72
C THR B 339 -15.16 2.94 23.83
N ALA B 340 -16.13 2.54 24.66
CA ALA B 340 -15.90 1.54 25.70
C ALA B 340 -16.15 0.13 25.15
N GLY B 341 -15.48 -0.85 25.75
CA GLY B 341 -15.74 -2.23 25.37
C GLY B 341 -15.09 -3.33 26.19
N ILE B 342 -14.21 -2.99 27.15
CA ILE B 342 -13.45 -4.03 27.85
C ILE B 342 -14.37 -5.02 28.57
N GLU B 343 -15.48 -4.53 29.13
CA GLU B 343 -16.40 -5.42 29.83
C GLU B 343 -17.18 -6.31 28.86
N ASP B 344 -17.37 -5.87 27.62
CA ASP B 344 -18.31 -6.52 26.72
C ASP B 344 -17.64 -7.43 25.69
N ARG B 345 -16.32 -7.37 25.54
CA ARG B 345 -15.65 -8.02 24.40
C ARG B 345 -15.99 -9.51 24.31
N MET B 346 -15.77 -10.26 25.40
CA MET B 346 -15.88 -11.71 25.33
C MET B 346 -17.31 -12.15 25.09
N ALA B 347 -18.27 -11.54 25.78
CA ALA B 347 -19.68 -11.91 25.55
C ALA B 347 -20.13 -11.56 24.13
N LEU B 348 -19.71 -10.40 23.61
CA LEU B 348 -20.09 -10.05 22.22
C LEU B 348 -19.55 -11.08 21.24
N LEU B 349 -18.28 -11.43 21.38
CA LEU B 349 -17.66 -12.39 20.48
C LEU B 349 -18.24 -13.79 20.66
N TRP B 350 -18.52 -14.20 21.89
CA TRP B 350 -19.11 -15.52 22.12
C TRP B 350 -20.49 -15.62 21.50
N ASP B 351 -21.32 -14.61 21.73
CA ASP B 351 -22.68 -14.63 21.22
C ASP B 351 -22.71 -14.57 19.70
N ALA B 352 -21.86 -13.73 19.10
CA ALA B 352 -21.91 -13.58 17.64
C ALA B 352 -21.11 -14.68 16.94
N GLY B 353 -20.01 -15.14 17.54
CA GLY B 353 -19.17 -16.11 16.90
C GLY B 353 -19.46 -17.56 17.24
N VAL B 354 -19.55 -17.87 18.54
CA VAL B 354 -19.71 -19.26 18.96
C VAL B 354 -21.16 -19.71 18.85
N ASN B 355 -22.11 -18.90 19.37
CA ASN B 355 -23.53 -19.30 19.30
C ASN B 355 -23.97 -19.57 17.87
N SER B 356 -23.43 -18.83 16.92
CA SER B 356 -23.85 -18.92 15.53
C SER B 356 -23.14 -20.06 14.80
N GLY B 357 -22.08 -20.61 15.37
CA GLY B 357 -21.30 -21.60 14.70
C GLY B 357 -20.24 -21.06 13.78
N ARG B 358 -20.06 -19.73 13.72
CA ARG B 358 -19.00 -19.18 12.89
C ARG B 358 -17.62 -19.56 13.40
N LEU B 359 -17.47 -19.65 14.72
CA LEU B 359 -16.19 -19.92 15.36
C LEU B 359 -16.37 -21.07 16.35
N SER B 360 -15.36 -21.92 16.46
CA SER B 360 -15.33 -22.90 17.52
C SER B 360 -15.02 -22.22 18.86
N MET B 361 -15.34 -22.93 19.95
CA MET B 361 -14.95 -22.45 21.28
C MET B 361 -13.43 -22.31 21.40
N HIS B 362 -12.68 -23.17 20.71
CA HIS B 362 -11.22 -23.10 20.76
C HIS B 362 -10.71 -21.87 20.02
N GLU B 363 -11.33 -21.52 18.90
CA GLU B 363 -10.97 -20.28 18.23
C GLU B 363 -11.28 -19.08 19.14
N PHE B 364 -12.43 -19.12 19.82
CA PHE B 364 -12.79 -18.06 20.75
C PHE B 364 -11.71 -17.86 21.81
N VAL B 365 -11.18 -18.95 22.36
CA VAL B 365 -10.11 -18.84 23.36
C VAL B 365 -8.86 -18.25 22.73
N ALA B 366 -8.47 -18.76 21.56
CA ALA B 366 -7.31 -18.22 20.85
C ALA B 366 -7.47 -16.73 20.60
N LEU B 367 -8.67 -16.30 20.19
CA LEU B 367 -8.91 -14.91 19.84
C LEU B 367 -9.06 -13.99 21.04
N THR B 368 -9.38 -14.51 22.24
CA THR B 368 -9.53 -13.65 23.39
C THR B 368 -8.34 -13.67 24.35
N SER B 369 -7.49 -14.69 24.30
CA SER B 369 -6.29 -14.63 25.13
C SER B 369 -5.04 -15.24 24.51
N THR B 370 -5.12 -16.49 24.00
CA THR B 370 -3.89 -17.23 23.72
C THR B 370 -3.04 -16.57 22.63
N ASN B 371 -3.66 -16.08 21.55
CA ASN B 371 -2.86 -15.50 20.47
C ASN B 371 -2.14 -14.26 20.93
N THR B 372 -2.85 -13.38 21.65
CA THR B 372 -2.20 -12.21 22.22
C THR B 372 -1.03 -12.64 23.10
N ALA B 373 -1.24 -13.66 23.96
CA ALA B 373 -0.16 -14.12 24.83
C ALA B 373 1.04 -14.57 24.02
N LYS B 374 0.80 -15.38 22.98
CA LYS B 374 1.89 -15.85 22.12
C LYS B 374 2.62 -14.69 21.47
N ILE B 375 1.86 -13.77 20.88
CA ILE B 375 2.46 -12.71 20.07
C ILE B 375 3.37 -11.83 20.92
N PHE B 376 2.96 -11.53 22.15
CA PHE B 376 3.73 -10.62 23.01
C PHE B 376 4.60 -11.36 24.04
N ASN B 377 4.84 -12.66 23.82
CA ASN B 377 5.80 -13.45 24.61
C ASN B 377 5.34 -13.62 26.05
N LEU B 378 4.04 -13.88 26.22
CA LEU B 378 3.44 -14.16 27.52
C LEU B 378 2.88 -15.57 27.61
N PHE B 379 3.10 -16.39 26.59
CA PHE B 379 2.61 -17.77 26.59
C PHE B 379 3.73 -18.69 27.03
N PRO B 380 3.50 -19.66 27.94
CA PRO B 380 2.21 -20.02 28.54
C PRO B 380 1.93 -19.43 29.94
N ARG B 381 2.64 -18.38 30.35
CA ARG B 381 2.28 -17.72 31.60
C ARG B 381 0.82 -17.26 31.58
N LYS B 382 0.36 -16.75 30.45
CA LYS B 382 -1.01 -16.30 30.25
C LYS B 382 -1.64 -17.06 29.11
N GLY B 383 -2.98 -17.00 29.06
CA GLY B 383 -3.69 -17.59 27.94
C GLY B 383 -3.61 -19.09 27.87
N ALA B 384 -3.34 -19.75 29.00
CA ALA B 384 -3.08 -21.17 29.05
C ALA B 384 -3.63 -21.77 30.34
N ILE B 385 -4.25 -22.94 30.23
CA ILE B 385 -4.67 -23.67 31.41
C ILE B 385 -3.69 -24.83 31.60
N ARG B 386 -2.66 -24.62 32.41
CA ARG B 386 -1.66 -25.64 32.66
C ARG B 386 -0.94 -25.36 33.97
N VAL B 387 -0.42 -26.43 34.56
CA VAL B 387 0.26 -26.34 35.85
C VAL B 387 1.40 -25.33 35.75
N GLY B 388 1.44 -24.38 36.70
CA GLY B 388 2.43 -23.34 36.69
C GLY B 388 2.04 -22.07 35.96
N ALA B 389 0.94 -22.07 35.22
CA ALA B 389 0.48 -20.84 34.57
C ALA B 389 -0.24 -19.95 35.58
N ASP B 390 -0.21 -18.64 35.33
CA ASP B 390 -0.98 -17.70 36.14
C ASP B 390 -2.43 -18.15 36.21
N ALA B 391 -3.02 -18.06 37.40
CA ALA B 391 -4.41 -18.51 37.57
C ALA B 391 -5.36 -17.39 37.17
N ASP B 392 -5.38 -17.11 35.85
CA ASP B 392 -6.31 -16.15 35.26
C ASP B 392 -7.29 -16.97 34.42
N LEU B 393 -8.55 -17.05 34.87
CA LEU B 393 -9.52 -17.97 34.33
C LEU B 393 -10.89 -17.30 34.31
N VAL B 394 -11.77 -17.78 33.45
CA VAL B 394 -13.16 -17.33 33.45
C VAL B 394 -14.08 -18.54 33.34
N LEU B 395 -15.15 -18.54 34.12
CA LEU B 395 -16.15 -19.58 34.09
C LEU B 395 -17.34 -19.07 33.29
N TRP B 396 -17.71 -19.80 32.25
CA TRP B 396 -18.63 -19.31 31.23
C TRP B 396 -19.92 -20.10 31.25
N ASP B 397 -21.05 -19.38 31.34
CA ASP B 397 -22.33 -20.04 31.39
C ASP B 397 -22.99 -19.96 30.02
N PRO B 398 -23.00 -21.04 29.24
CA PRO B 398 -23.54 -20.97 27.86
C PRO B 398 -25.02 -20.62 27.79
N GLN B 399 -25.79 -20.81 28.86
CA GLN B 399 -27.21 -20.50 28.84
C GLN B 399 -27.55 -19.19 29.52
N GLY B 400 -26.56 -18.52 30.12
CA GLY B 400 -26.81 -17.24 30.77
C GLY B 400 -27.01 -16.11 29.77
N SER B 401 -27.79 -15.12 30.20
CA SER B 401 -28.18 -14.01 29.36
C SER B 401 -27.75 -12.69 29.99
N ARG B 402 -27.46 -11.71 29.16
CA ARG B 402 -27.18 -10.37 29.64
C ARG B 402 -27.58 -9.37 28.56
N THR B 403 -28.09 -8.22 29.01
CA THR B 403 -28.47 -7.13 28.11
C THR B 403 -27.51 -5.98 28.36
N LEU B 404 -26.77 -5.57 27.33
CA LEU B 404 -25.77 -4.52 27.49
C LEU B 404 -26.48 -3.16 27.57
N SER B 405 -26.13 -2.37 28.58
CA SER B 405 -26.73 -1.05 28.72
C SER B 405 -25.75 -0.15 29.45
N ALA B 406 -25.68 1.12 29.02
CA ALA B 406 -24.89 2.10 29.76
C ALA B 406 -25.43 2.30 31.17
N ALA B 407 -26.72 2.03 31.37
CA ALA B 407 -27.33 2.17 32.69
C ALA B 407 -26.88 1.09 33.66
N THR B 408 -26.42 -0.06 33.16
CA THR B 408 -26.08 -1.19 34.03
C THR B 408 -24.64 -1.67 33.93
N HIS B 409 -23.87 -1.29 32.91
CA HIS B 409 -22.52 -1.81 32.83
C HIS B 409 -21.66 -1.19 33.94
N HIS B 410 -20.48 -1.78 34.14
CA HIS B 410 -19.52 -1.31 35.13
C HIS B 410 -18.49 -0.33 34.56
N GLN B 411 -18.48 -0.14 33.25
CA GLN B 411 -17.59 0.83 32.65
C GLN B 411 -18.04 2.24 32.99
N ARG B 412 -17.12 3.04 33.51
CA ARG B 412 -17.36 4.40 33.98
C ARG B 412 -17.45 5.33 32.76
N VAL B 413 -18.58 5.22 32.07
CA VAL B 413 -18.89 6.00 30.87
C VAL B 413 -20.40 5.89 30.66
N ASP B 414 -20.99 6.92 30.06
CA ASP B 414 -22.45 7.04 29.96
C ASP B 414 -23.00 6.60 28.61
N PHE B 415 -22.28 5.79 27.86
CA PHE B 415 -22.73 5.36 26.54
C PHE B 415 -22.23 3.95 26.30
N ASN B 416 -23.04 3.17 25.59
CA ASN B 416 -22.63 1.84 25.15
C ASN B 416 -22.99 1.66 23.68
N ILE B 417 -21.98 1.31 22.87
CA ILE B 417 -22.20 1.20 21.43
C ILE B 417 -23.06 0.00 21.05
N PHE B 418 -23.33 -0.91 22.00
CA PHE B 418 -24.25 -2.03 21.82
C PHE B 418 -25.45 -1.94 22.76
N GLU B 419 -25.81 -0.72 23.20
CA GLU B 419 -26.98 -0.47 24.04
C GLU B 419 -28.19 -1.28 23.59
N GLY B 420 -28.75 -2.06 24.52
CA GLY B 420 -29.94 -2.84 24.23
C GLY B 420 -29.70 -4.23 23.67
N ARG B 421 -28.46 -4.56 23.30
CA ARG B 421 -28.18 -5.86 22.72
C ARG B 421 -28.21 -6.95 23.79
N THR B 422 -28.95 -8.03 23.51
CA THR B 422 -28.95 -9.17 24.41
C THR B 422 -28.05 -10.26 23.86
N VAL B 423 -27.15 -10.74 24.69
CA VAL B 423 -26.22 -11.80 24.32
C VAL B 423 -26.54 -13.01 25.17
N ARG B 424 -26.29 -14.20 24.62
CA ARG B 424 -26.49 -15.47 25.31
C ARG B 424 -25.14 -16.14 25.46
N GLY B 425 -24.76 -16.44 26.70
CA GLY B 425 -23.40 -16.89 26.96
C GLY B 425 -22.64 -15.78 27.66
N ILE B 426 -22.40 -15.93 28.95
CA ILE B 426 -21.86 -14.83 29.76
C ILE B 426 -20.83 -15.38 30.72
N PRO B 427 -19.91 -14.52 31.19
CA PRO B 427 -18.99 -14.97 32.24
C PRO B 427 -19.72 -15.02 33.57
N SER B 428 -19.82 -16.20 34.17
CA SER B 428 -20.46 -16.28 35.47
C SER B 428 -19.48 -15.95 36.60
N HIS B 429 -18.22 -16.33 36.43
CA HIS B 429 -17.18 -16.08 37.41
C HIS B 429 -15.89 -15.72 36.69
N THR B 430 -15.10 -14.85 37.31
CA THR B 430 -13.79 -14.49 36.78
C THR B 430 -12.76 -14.61 37.88
N ILE B 431 -11.66 -15.30 37.56
CA ILE B 431 -10.61 -15.59 38.52
C ILE B 431 -9.33 -14.93 38.02
N SER B 432 -8.73 -14.13 38.89
CA SER B 432 -7.51 -13.39 38.62
C SER B 432 -6.52 -13.63 39.74
N GLN B 433 -5.28 -13.98 39.39
CA GLN B 433 -4.25 -14.32 40.38
C GLN B 433 -4.77 -15.37 41.37
N GLY B 434 -5.67 -16.24 40.91
CA GLY B 434 -6.24 -17.24 41.77
C GLY B 434 -7.32 -16.77 42.72
N LYS B 435 -7.75 -15.52 42.63
CA LYS B 435 -8.81 -15.04 43.51
C LYS B 435 -10.08 -14.78 42.70
N LEU B 436 -11.22 -15.04 43.33
CA LEU B 436 -12.53 -14.86 42.71
C LEU B 436 -12.90 -13.38 42.82
N LEU B 437 -12.80 -12.65 41.71
CA LEU B 437 -13.09 -11.22 41.72
C LEU B 437 -14.41 -10.85 41.05
N TRP B 438 -15.08 -11.80 40.40
CA TRP B 438 -16.41 -11.60 39.83
C TRP B 438 -17.22 -12.87 40.03
N ALA B 439 -18.43 -12.74 40.57
CA ALA B 439 -19.27 -13.90 40.88
C ALA B 439 -20.74 -13.49 40.69
N ALA B 440 -21.30 -13.85 39.54
CA ALA B 440 -22.74 -13.78 39.28
C ALA B 440 -23.36 -12.48 39.80
N GLY B 441 -22.89 -11.37 39.25
CA GLY B 441 -23.42 -10.07 39.53
C GLY B 441 -22.61 -9.25 40.54
N ASP B 442 -21.72 -9.88 41.30
CA ASP B 442 -20.98 -9.17 42.32
C ASP B 442 -19.51 -9.06 41.93
N LEU B 443 -19.03 -7.82 41.83
CA LEU B 443 -17.65 -7.50 41.50
C LEU B 443 -16.86 -7.25 42.78
N ARG B 444 -15.73 -7.92 42.94
CA ARG B 444 -14.93 -7.82 44.15
C ARG B 444 -13.55 -7.23 43.87
N ALA B 445 -13.46 -6.37 42.86
CA ALA B 445 -12.17 -5.78 42.52
C ALA B 445 -11.72 -4.83 43.60
N GLU B 446 -10.42 -4.83 43.88
CA GLU B 446 -9.82 -3.99 44.89
C GLU B 446 -8.75 -3.12 44.24
N PRO B 447 -8.73 -1.83 44.53
CA PRO B 447 -7.66 -0.97 43.97
C PRO B 447 -6.30 -1.46 44.45
N GLY B 448 -5.35 -1.52 43.52
CA GLY B 448 -3.99 -1.88 43.84
C GLY B 448 -3.67 -3.36 43.78
N ALA B 449 -4.67 -4.24 43.62
CA ALA B 449 -4.42 -5.68 43.68
C ALA B 449 -3.63 -6.20 42.46
N GLY B 450 -3.79 -5.58 41.29
CA GLY B 450 -3.15 -6.11 40.09
C GLY B 450 -1.64 -5.92 40.07
N ARG B 451 -0.94 -6.79 39.36
CA ARG B 451 0.51 -6.68 39.23
C ARG B 451 0.91 -6.12 37.87
N TYR B 452 2.02 -5.40 37.85
CA TYR B 452 2.64 -5.01 36.58
C TYR B 452 3.30 -6.23 35.95
N VAL B 453 2.94 -6.51 34.70
CA VAL B 453 3.40 -7.71 34.01
C VAL B 453 4.47 -7.33 33.00
N GLU B 454 5.69 -7.81 33.24
CA GLU B 454 6.77 -7.66 32.28
C GLU B 454 6.64 -8.70 31.17
N ARG B 455 7.08 -8.30 29.98
CA ARG B 455 7.04 -9.17 28.81
C ARG B 455 8.47 -9.31 28.28
N PRO B 456 9.05 -10.50 28.26
CA PRO B 456 10.42 -10.64 27.77
C PRO B 456 10.53 -10.36 26.28
N ALA B 457 11.69 -9.83 25.89
CA ALA B 457 12.06 -9.61 24.50
C ALA B 457 12.24 -10.95 23.76
N TYR B 458 12.41 -10.85 22.43
CA TYR B 458 12.67 -11.94 21.49
C TYR B 458 11.62 -13.05 21.56
N PRO B 459 10.35 -12.75 21.27
CA PRO B 459 9.38 -13.84 21.03
C PRO B 459 9.91 -14.71 19.90
N SER B 460 9.37 -15.94 19.81
CA SER B 460 10.06 -16.98 19.05
C SER B 460 10.15 -16.67 17.54
N VAL B 461 9.32 -15.74 17.02
CA VAL B 461 9.41 -15.36 15.61
C VAL B 461 10.80 -14.83 15.28
N TYR B 462 11.50 -14.23 16.25
CA TYR B 462 12.83 -13.70 15.97
C TYR B 462 13.84 -14.79 15.66
N GLU B 463 13.57 -16.03 16.09
CA GLU B 463 14.43 -17.13 15.69
C GLU B 463 14.30 -17.39 14.20
N VAL B 464 13.06 -17.39 13.71
CA VAL B 464 12.83 -17.59 12.27
C VAL B 464 13.45 -16.44 11.48
N LEU B 465 13.19 -15.21 11.91
CA LEU B 465 13.72 -14.05 11.21
C LEU B 465 15.24 -14.08 11.19
N GLY B 466 15.86 -14.48 12.30
CA GLY B 466 17.32 -14.52 12.36
C GLY B 466 17.92 -15.44 11.33
N ARG B 467 17.35 -16.65 11.18
CA ARG B 467 17.87 -17.58 10.19
C ARG B 467 17.62 -17.10 8.78
N ARG B 468 16.46 -16.47 8.55
CA ARG B 468 16.17 -15.86 7.25
C ARG B 468 17.22 -14.82 6.89
N ALA B 469 17.57 -13.95 7.83
CA ALA B 469 18.59 -12.93 7.55
C ALA B 469 19.94 -13.58 7.24
N GLU B 470 20.27 -14.65 7.96
CA GLU B 470 21.48 -15.41 7.66
C GLU B 470 21.47 -15.94 6.24
N ARG B 471 20.38 -16.59 5.84
CA ARG B 471 20.29 -17.22 4.53
C ARG B 471 20.34 -16.19 3.40
N GLN B 472 19.83 -14.98 3.65
CA GLN B 472 19.71 -13.96 2.62
C GLN B 472 20.85 -12.93 2.64
N ARG B 473 21.95 -13.19 3.35
CA ARG B 473 23.09 -12.28 3.34
C ARG B 473 23.53 -12.01 1.91
N PRO B 474 23.73 -10.75 1.51
CA PRO B 474 24.22 -10.47 0.16
C PRO B 474 25.68 -10.86 0.00
N VAL B 475 26.01 -11.37 -1.19
CA VAL B 475 27.37 -11.78 -1.54
C VAL B 475 27.82 -10.98 -2.76
N ALA B 476 29.00 -10.40 -2.68
CA ALA B 476 29.51 -9.61 -3.79
C ALA B 476 29.94 -10.52 -4.94
N VAL B 477 29.83 -9.99 -6.17
CA VAL B 477 30.35 -10.64 -7.36
C VAL B 477 31.84 -10.35 -7.47
N GLU B 478 32.63 -11.36 -7.80
CA GLU B 478 34.07 -11.19 -7.87
C GLU B 478 34.45 -10.93 -9.32
N ARG B 479 35.20 -9.85 -9.54
CA ARG B 479 35.46 -9.38 -10.89
C ARG B 479 36.83 -8.71 -10.96
ZN ZN C . 11.95 6.82 -16.15
ZN ZN D . -6.34 3.22 19.93
#